data_1SRK
#
_entry.id   1SRK
#
loop_
_entity.id
_entity.type
_entity.pdbx_description
1 polymer 'Zinc finger protein ZFPM1'
2 non-polymer 'ZINC ION'
#
_entity_poly.entity_id   1
_entity_poly.type   'polypeptide(L)'
_entity_poly.pdbx_seq_one_letter_code
;GSSGKRPFVCRICLSAFTTKANCARHLKVHTDTLS
;
_entity_poly.pdbx_strand_id   A
#
# COMPACT_ATOMS: atom_id res chain seq x y z
N GLY A 1 7.82 -12.60 12.31
CA GLY A 1 6.68 -12.45 11.37
C GLY A 1 7.13 -12.14 9.97
N SER A 2 6.41 -11.25 9.29
CA SER A 2 6.74 -10.87 7.92
C SER A 2 5.82 -9.74 7.44
N SER A 3 4.54 -9.85 7.76
CA SER A 3 3.55 -8.89 7.28
C SER A 3 2.27 -8.98 8.12
N GLY A 4 1.13 -8.63 7.55
CA GLY A 4 -0.13 -8.75 8.25
C GLY A 4 -0.21 -7.91 9.51
N LYS A 5 0.08 -6.61 9.40
CA LYS A 5 0.11 -5.73 10.56
C LYS A 5 -0.24 -4.30 10.11
N ARG A 6 -0.69 -3.48 11.07
CA ARG A 6 -1.30 -2.18 10.76
C ARG A 6 -0.33 -1.05 10.34
N PRO A 7 0.93 -0.99 10.81
CA PRO A 7 1.85 0.13 10.48
C PRO A 7 2.37 0.11 9.04
N PHE A 8 1.57 -0.45 8.15
CA PHE A 8 1.93 -0.54 6.74
C PHE A 8 1.34 0.63 5.97
N VAL A 9 1.61 1.83 6.45
CA VAL A 9 1.05 3.02 5.84
C VAL A 9 1.79 3.35 4.54
N CYS A 10 1.06 3.81 3.55
CA CYS A 10 1.61 4.10 2.25
C CYS A 10 2.77 5.09 2.34
N ARG A 11 3.80 4.80 1.59
CA ARG A 11 4.96 5.64 1.48
C ARG A 11 4.61 6.97 0.81
N ILE A 12 3.71 6.95 -0.17
CA ILE A 12 3.38 8.16 -0.90
C ILE A 12 2.24 8.94 -0.25
N CYS A 13 1.11 8.29 -0.04
CA CYS A 13 0.02 8.93 0.67
C CYS A 13 0.07 8.57 2.15
N LEU A 14 -1.06 8.12 2.68
CA LEU A 14 -1.14 7.69 4.08
C LEU A 14 -2.25 6.66 4.23
N SER A 15 -2.39 5.82 3.23
CA SER A 15 -3.30 4.70 3.31
C SER A 15 -2.61 3.54 4.01
N ALA A 16 -3.20 3.07 5.11
CA ALA A 16 -2.63 1.95 5.84
C ALA A 16 -3.20 0.63 5.31
N PHE A 17 -2.33 -0.35 5.12
CA PHE A 17 -2.76 -1.66 4.62
C PHE A 17 -2.33 -2.76 5.57
N THR A 18 -3.11 -3.83 5.63
CA THR A 18 -2.78 -4.96 6.48
C THR A 18 -1.48 -5.65 6.06
N THR A 19 -1.33 -5.89 4.77
CA THR A 19 -0.17 -6.60 4.26
C THR A 19 0.63 -5.74 3.30
N LYS A 20 1.93 -5.95 3.30
CA LYS A 20 2.84 -5.26 2.38
C LYS A 20 2.37 -5.44 0.95
N ALA A 21 1.88 -6.63 0.67
CA ALA A 21 1.46 -6.96 -0.67
C ALA A 21 0.38 -6.01 -1.17
N ASN A 22 -0.55 -5.63 -0.29
CA ASN A 22 -1.59 -4.66 -0.64
C ASN A 22 -0.98 -3.31 -0.98
N CYS A 23 -0.02 -2.88 -0.18
CA CYS A 23 0.64 -1.60 -0.39
C CYS A 23 1.37 -1.59 -1.73
N ALA A 24 2.00 -2.71 -2.07
CA ALA A 24 2.75 -2.83 -3.31
C ALA A 24 1.88 -2.59 -4.54
N ARG A 25 0.73 -3.28 -4.61
CA ARG A 25 -0.19 -3.11 -5.74
C ARG A 25 -0.80 -1.71 -5.74
N HIS A 26 -1.05 -1.19 -4.55
CA HIS A 26 -1.58 0.16 -4.37
C HIS A 26 -0.66 1.21 -5.01
N LEU A 27 0.64 1.01 -4.82
CA LEU A 27 1.65 2.00 -5.19
C LEU A 27 1.46 2.55 -6.61
N LYS A 28 1.06 1.69 -7.53
CA LYS A 28 0.92 2.06 -8.94
C LYS A 28 0.03 3.30 -9.13
N VAL A 29 -0.96 3.48 -8.25
CA VAL A 29 -1.91 4.58 -8.40
C VAL A 29 -1.20 5.94 -8.45
N HIS A 30 -0.11 6.05 -7.70
CA HIS A 30 0.61 7.31 -7.59
C HIS A 30 1.49 7.58 -8.81
N THR A 31 0.95 7.31 -9.99
CA THR A 31 1.62 7.63 -11.24
C THR A 31 0.82 7.10 -12.43
N ASP A 32 0.33 5.87 -12.32
CA ASP A 32 -0.46 5.27 -13.38
C ASP A 32 -1.86 5.90 -13.43
N THR A 33 -2.64 5.65 -12.39
CA THR A 33 -3.98 6.21 -12.27
C THR A 33 -4.42 6.09 -10.82
N LEU A 34 -5.04 7.14 -10.28
CA LEU A 34 -5.50 7.12 -8.91
C LEU A 34 -6.76 6.29 -8.79
N SER A 35 -6.76 5.41 -7.82
CA SER A 35 -7.87 4.51 -7.58
C SER A 35 -7.78 3.95 -6.17
N GLY A 1 5.32 -12.76 12.68
CA GLY A 1 3.95 -12.29 12.32
C GLY A 1 3.99 -11.18 11.30
N SER A 2 4.76 -11.36 10.24
CA SER A 2 4.92 -10.36 9.20
C SER A 2 3.61 -10.12 8.44
N SER A 3 2.89 -11.20 8.14
CA SER A 3 1.63 -11.09 7.41
C SER A 3 0.58 -10.38 8.27
N GLY A 4 -0.02 -9.33 7.70
CA GLY A 4 -1.00 -8.53 8.42
C GLY A 4 -0.38 -7.72 9.55
N LYS A 5 -0.41 -6.41 9.40
CA LYS A 5 0.24 -5.50 10.32
C LYS A 5 -0.14 -4.07 9.94
N ARG A 6 -0.52 -3.25 10.92
CA ARG A 6 -1.14 -1.94 10.65
C ARG A 6 -0.15 -0.84 10.19
N PRO A 7 1.08 -0.78 10.71
CA PRO A 7 2.05 0.30 10.38
C PRO A 7 2.44 0.36 8.90
N PHE A 8 1.82 -0.45 8.07
CA PHE A 8 2.11 -0.47 6.64
C PHE A 8 1.38 0.67 5.93
N VAL A 9 1.54 1.87 6.46
CA VAL A 9 0.91 3.03 5.88
C VAL A 9 1.70 3.46 4.65
N CYS A 10 0.98 3.85 3.61
CA CYS A 10 1.62 4.20 2.36
C CYS A 10 2.61 5.32 2.56
N ARG A 11 3.78 5.13 1.99
CA ARG A 11 4.85 6.10 2.05
C ARG A 11 4.50 7.36 1.27
N ILE A 12 3.80 7.20 0.15
CA ILE A 12 3.48 8.33 -0.70
C ILE A 12 2.27 9.10 -0.17
N CYS A 13 1.17 8.40 0.09
CA CYS A 13 0.03 9.05 0.71
C CYS A 13 -0.03 8.71 2.20
N LEU A 14 -1.14 8.15 2.63
CA LEU A 14 -1.31 7.74 4.02
C LEU A 14 -2.39 6.67 4.13
N SER A 15 -2.44 5.81 3.14
CA SER A 15 -3.33 4.66 3.20
C SER A 15 -2.62 3.51 3.92
N ALA A 16 -3.18 3.05 5.03
CA ALA A 16 -2.57 1.95 5.77
C ALA A 16 -3.15 0.60 5.32
N PHE A 17 -2.30 -0.38 5.11
CA PHE A 17 -2.75 -1.71 4.70
C PHE A 17 -2.15 -2.76 5.60
N THR A 18 -2.84 -3.86 5.78
CA THR A 18 -2.36 -4.94 6.62
C THR A 18 -1.11 -5.59 6.05
N THR A 19 -1.11 -5.88 4.77
CA THR A 19 0.01 -6.56 4.16
C THR A 19 0.74 -5.67 3.18
N LYS A 20 2.05 -5.89 3.08
CA LYS A 20 2.88 -5.21 2.09
C LYS A 20 2.32 -5.43 0.70
N ALA A 21 1.82 -6.63 0.49
CA ALA A 21 1.32 -7.04 -0.79
C ALA A 21 0.21 -6.10 -1.27
N ASN A 22 -0.67 -5.70 -0.35
CA ASN A 22 -1.72 -4.74 -0.68
C ASN A 22 -1.13 -3.37 -1.01
N CYS A 23 -0.13 -2.96 -0.23
CA CYS A 23 0.54 -1.67 -0.45
C CYS A 23 1.23 -1.67 -1.82
N ALA A 24 1.85 -2.80 -2.16
CA ALA A 24 2.55 -2.93 -3.44
C ALA A 24 1.63 -2.73 -4.63
N ARG A 25 0.45 -3.36 -4.61
CA ARG A 25 -0.51 -3.21 -5.69
C ARG A 25 -1.07 -1.78 -5.70
N HIS A 26 -1.24 -1.22 -4.51
CA HIS A 26 -1.69 0.15 -4.33
C HIS A 26 -0.75 1.15 -5.02
N LEU A 27 0.55 0.89 -4.86
CA LEU A 27 1.59 1.83 -5.26
C LEU A 27 1.42 2.37 -6.69
N LYS A 28 0.94 1.52 -7.60
CA LYS A 28 0.80 1.90 -9.01
C LYS A 28 0.02 3.20 -9.20
N VAL A 29 -0.94 3.47 -8.33
CA VAL A 29 -1.75 4.68 -8.45
C VAL A 29 -0.86 5.94 -8.47
N HIS A 30 0.20 5.93 -7.67
CA HIS A 30 1.12 7.08 -7.60
C HIS A 30 2.15 7.06 -8.74
N THR A 31 1.79 6.43 -9.86
CA THR A 31 2.70 6.36 -11.00
C THR A 31 2.00 5.65 -12.18
N ASP A 32 0.69 5.82 -12.24
CA ASP A 32 -0.14 5.25 -13.29
C ASP A 32 -1.58 5.67 -13.06
N THR A 33 -2.23 6.17 -14.10
CA THR A 33 -3.59 6.66 -13.99
C THR A 33 -4.59 5.50 -13.98
N LEU A 34 -5.52 5.55 -13.05
CA LEU A 34 -6.53 4.52 -12.94
C LEU A 34 -7.60 4.72 -13.99
N SER A 35 -7.87 3.66 -14.72
CA SER A 35 -8.86 3.67 -15.77
C SER A 35 -9.27 2.23 -16.08
N GLY A 1 -0.64 -14.79 5.62
CA GLY A 1 -1.85 -15.30 4.95
C GLY A 1 -2.50 -14.24 4.08
N SER A 2 -3.82 -14.17 4.15
CA SER A 2 -4.57 -13.17 3.40
C SER A 2 -4.21 -11.76 3.86
N SER A 3 -4.16 -11.58 5.17
CA SER A 3 -3.79 -10.32 5.79
C SER A 3 -3.45 -10.53 7.26
N GLY A 4 -2.25 -10.11 7.65
CA GLY A 4 -1.86 -10.18 9.04
C GLY A 4 -2.43 -9.03 9.85
N LYS A 5 -1.55 -8.38 10.61
CA LYS A 5 -1.90 -7.15 11.31
C LYS A 5 -2.05 -6.00 10.30
N ARG A 6 -1.69 -4.80 10.70
CA ARG A 6 -1.85 -3.65 9.82
C ARG A 6 -0.92 -2.50 10.24
N PRO A 7 0.40 -2.71 10.12
CA PRO A 7 1.42 -1.74 10.48
C PRO A 7 1.73 -0.76 9.35
N PHE A 8 1.59 -1.25 8.14
CA PHE A 8 2.13 -0.58 6.96
C PHE A 8 1.27 0.60 6.54
N VAL A 9 1.91 1.71 6.25
CA VAL A 9 1.22 2.88 5.75
C VAL A 9 1.94 3.39 4.52
N CYS A 10 1.17 3.80 3.51
CA CYS A 10 1.74 4.23 2.25
C CYS A 10 2.64 5.45 2.44
N ARG A 11 3.80 5.38 1.82
CA ARG A 11 4.77 6.44 1.90
C ARG A 11 4.30 7.70 1.15
N ILE A 12 3.62 7.50 0.02
CA ILE A 12 3.23 8.63 -0.82
C ILE A 12 2.00 9.33 -0.27
N CYS A 13 0.93 8.56 -0.01
CA CYS A 13 -0.23 9.13 0.65
C CYS A 13 -0.13 8.83 2.15
N LEU A 14 -1.16 8.19 2.69
CA LEU A 14 -1.15 7.75 4.08
C LEU A 14 -2.18 6.66 4.29
N SER A 15 -2.32 5.81 3.29
CA SER A 15 -3.22 4.67 3.39
C SER A 15 -2.54 3.53 4.14
N ALA A 16 -3.15 3.08 5.22
CA ALA A 16 -2.61 1.95 5.97
C ALA A 16 -3.11 0.64 5.37
N PHE A 17 -2.20 -0.29 5.12
CA PHE A 17 -2.58 -1.59 4.59
C PHE A 17 -2.14 -2.70 5.54
N THR A 18 -2.97 -3.73 5.63
CA THR A 18 -2.72 -4.89 6.47
C THR A 18 -1.41 -5.58 6.09
N THR A 19 -1.13 -5.61 4.79
CA THR A 19 0.02 -6.33 4.28
C THR A 19 0.73 -5.53 3.19
N LYS A 20 2.02 -5.76 3.07
CA LYS A 20 2.83 -5.22 2.00
C LYS A 20 2.24 -5.60 0.67
N ALA A 21 1.68 -6.79 0.63
CA ALA A 21 1.11 -7.31 -0.58
C ALA A 21 0.04 -6.37 -1.13
N ASN A 22 -0.80 -5.84 -0.24
CA ASN A 22 -1.81 -4.85 -0.63
C ASN A 22 -1.13 -3.54 -1.04
N CYS A 23 -0.13 -3.14 -0.29
CA CYS A 23 0.57 -1.88 -0.53
C CYS A 23 1.24 -1.89 -1.92
N ALA A 24 1.83 -3.02 -2.29
CA ALA A 24 2.53 -3.14 -3.57
C ALA A 24 1.60 -2.89 -4.75
N ARG A 25 0.42 -3.49 -4.73
CA ARG A 25 -0.56 -3.28 -5.80
C ARG A 25 -1.03 -1.84 -5.80
N HIS A 26 -1.09 -1.25 -4.61
CA HIS A 26 -1.51 0.13 -4.43
C HIS A 26 -0.54 1.12 -5.08
N LEU A 27 0.75 0.90 -4.85
CA LEU A 27 1.78 1.89 -5.17
C LEU A 27 1.65 2.47 -6.58
N LYS A 28 1.27 1.63 -7.55
CA LYS A 28 1.16 2.04 -8.94
C LYS A 28 0.25 3.25 -9.12
N VAL A 29 -0.76 3.41 -8.27
CA VAL A 29 -1.70 4.51 -8.40
C VAL A 29 -0.98 5.86 -8.45
N HIS A 30 0.07 5.99 -7.66
CA HIS A 30 0.83 7.23 -7.59
C HIS A 30 1.80 7.35 -8.77
N THR A 31 1.49 6.68 -9.88
CA THR A 31 2.29 6.75 -11.09
C THR A 31 1.70 5.88 -12.20
N ASP A 32 0.37 5.81 -12.23
CA ASP A 32 -0.34 5.03 -13.25
C ASP A 32 -1.82 5.38 -13.18
N THR A 33 -2.50 5.30 -14.32
CA THR A 33 -3.88 5.71 -14.42
C THR A 33 -4.83 4.68 -13.83
N LEU A 34 -5.79 5.18 -13.06
CA LEU A 34 -6.79 4.31 -12.45
C LEU A 34 -7.88 3.93 -13.45
N SER A 35 -7.46 3.59 -14.66
CA SER A 35 -8.39 3.22 -15.71
C SER A 35 -7.64 2.44 -16.80
N GLY A 1 1.20 -15.16 10.04
CA GLY A 1 2.20 -14.44 10.87
C GLY A 1 2.80 -13.25 10.16
N SER A 2 3.21 -13.46 8.91
CA SER A 2 3.78 -12.39 8.11
C SER A 2 2.72 -11.36 7.71
N SER A 3 3.08 -10.09 7.81
CA SER A 3 2.17 -8.98 7.57
C SER A 3 0.99 -9.03 8.54
N GLY A 4 -0.23 -8.75 8.08
CA GLY A 4 -1.39 -8.71 8.97
C GLY A 4 -1.40 -7.47 9.87
N LYS A 5 -0.25 -7.17 10.45
CA LYS A 5 -0.06 -5.99 11.29
C LYS A 5 -0.22 -4.75 10.39
N ARG A 6 -0.92 -3.71 10.87
CA ARG A 6 -1.29 -2.62 9.97
C ARG A 6 -0.51 -1.30 10.13
N PRO A 7 0.83 -1.30 10.36
CA PRO A 7 1.61 -0.09 10.34
C PRO A 7 2.15 0.17 8.93
N PHE A 8 1.61 -0.58 7.99
CA PHE A 8 2.04 -0.57 6.59
C PHE A 8 1.44 0.61 5.85
N VAL A 9 1.62 1.80 6.40
CA VAL A 9 1.05 2.99 5.81
C VAL A 9 1.88 3.42 4.58
N CYS A 10 1.19 3.85 3.56
CA CYS A 10 1.82 4.26 2.31
C CYS A 10 2.72 5.47 2.54
N ARG A 11 3.91 5.40 1.99
CA ARG A 11 4.88 6.47 2.09
C ARG A 11 4.41 7.68 1.30
N ILE A 12 3.77 7.41 0.17
CA ILE A 12 3.43 8.47 -0.76
C ILE A 12 2.19 9.23 -0.28
N CYS A 13 1.13 8.50 0.06
CA CYS A 13 -0.03 9.12 0.67
C CYS A 13 -0.02 8.85 2.17
N LEU A 14 -1.09 8.23 2.66
CA LEU A 14 -1.18 7.81 4.06
C LEU A 14 -2.24 6.73 4.21
N SER A 15 -2.35 5.90 3.19
CA SER A 15 -3.25 4.77 3.25
C SER A 15 -2.56 3.61 3.98
N ALA A 16 -3.18 3.10 5.04
CA ALA A 16 -2.61 1.99 5.78
C ALA A 16 -3.17 0.66 5.27
N PHE A 17 -2.30 -0.32 5.05
CA PHE A 17 -2.74 -1.62 4.57
C PHE A 17 -2.28 -2.73 5.50
N THR A 18 -3.05 -3.81 5.53
CA THR A 18 -2.76 -4.95 6.38
C THR A 18 -1.46 -5.65 5.97
N THR A 19 -1.23 -5.73 4.67
CA THR A 19 -0.13 -6.53 4.15
C THR A 19 0.70 -5.75 3.13
N LYS A 20 1.98 -6.07 3.06
CA LYS A 20 2.89 -5.50 2.06
C LYS A 20 2.29 -5.73 0.68
N ALA A 21 1.68 -6.89 0.54
CA ALA A 21 1.07 -7.31 -0.71
C ALA A 21 0.09 -6.26 -1.23
N ASN A 22 -0.77 -5.77 -0.34
CA ASN A 22 -1.69 -4.70 -0.69
C ASN A 22 -0.95 -3.40 -1.01
N CYS A 23 0.01 -3.05 -0.19
CA CYS A 23 0.77 -1.81 -0.39
C CYS A 23 1.48 -1.83 -1.75
N ALA A 24 2.07 -2.97 -2.08
CA ALA A 24 2.79 -3.12 -3.35
C ALA A 24 1.88 -2.86 -4.55
N ARG A 25 0.69 -3.46 -4.55
CA ARG A 25 -0.25 -3.28 -5.65
C ARG A 25 -0.87 -1.88 -5.62
N HIS A 26 -0.99 -1.32 -4.42
CA HIS A 26 -1.50 0.04 -4.22
C HIS A 26 -0.64 1.07 -4.95
N LEU A 27 0.67 0.92 -4.81
CA LEU A 27 1.64 1.94 -5.24
C LEU A 27 1.40 2.45 -6.66
N LYS A 28 0.90 1.58 -7.54
CA LYS A 28 0.69 1.91 -8.94
C LYS A 28 -0.15 3.19 -9.13
N VAL A 29 -1.07 3.46 -8.22
CA VAL A 29 -1.93 4.63 -8.35
C VAL A 29 -1.12 5.93 -8.41
N HIS A 30 -0.04 5.98 -7.65
CA HIS A 30 0.82 7.17 -7.61
C HIS A 30 1.73 7.25 -8.84
N THR A 31 1.17 6.97 -10.01
CA THR A 31 1.90 7.08 -11.26
C THR A 31 0.99 6.76 -12.46
N ASP A 32 0.24 5.66 -12.35
CA ASP A 32 -0.66 5.25 -13.43
C ASP A 32 -1.91 6.12 -13.48
N THR A 33 -2.58 6.28 -12.34
CA THR A 33 -3.81 7.04 -12.29
C THR A 33 -4.10 7.47 -10.84
N LEU A 34 -4.39 8.75 -10.65
CA LEU A 34 -4.70 9.28 -9.32
C LEU A 34 -5.44 10.62 -9.42
N SER A 35 -4.98 11.49 -10.30
CA SER A 35 -5.57 12.80 -10.49
C SER A 35 -5.18 13.37 -11.85
N GLY A 1 2.66 -16.73 11.07
CA GLY A 1 2.53 -15.25 11.10
C GLY A 1 1.96 -14.68 9.81
N SER A 2 0.88 -15.29 9.34
CA SER A 2 0.21 -14.85 8.12
C SER A 2 -0.40 -13.46 8.31
N SER A 3 -0.31 -12.64 7.27
CA SER A 3 -0.81 -11.27 7.28
C SER A 3 0.08 -10.36 8.11
N GLY A 4 0.39 -9.19 7.56
CA GLY A 4 1.25 -8.23 8.21
C GLY A 4 0.59 -7.54 9.38
N LYS A 5 0.56 -6.22 9.34
CA LYS A 5 -0.03 -5.40 10.40
C LYS A 5 -0.34 -4.00 9.88
N ARG A 6 -0.70 -3.11 10.79
CA ARG A 6 -1.22 -1.80 10.41
C ARG A 6 -0.16 -0.77 9.95
N PRO A 7 1.07 -0.75 10.50
CA PRO A 7 2.10 0.26 10.17
C PRO A 7 2.60 0.22 8.72
N PHE A 8 1.92 -0.53 7.86
CA PHE A 8 2.27 -0.57 6.45
C PHE A 8 1.61 0.60 5.72
N VAL A 9 1.75 1.79 6.28
CA VAL A 9 1.07 2.96 5.75
C VAL A 9 1.80 3.44 4.50
N CYS A 10 1.03 3.81 3.50
CA CYS A 10 1.58 4.23 2.24
C CYS A 10 2.51 5.42 2.40
N ARG A 11 3.64 5.34 1.72
CA ARG A 11 4.66 6.36 1.79
C ARG A 11 4.21 7.63 1.08
N ILE A 12 3.55 7.45 -0.05
CA ILE A 12 3.19 8.60 -0.87
C ILE A 12 1.96 9.30 -0.33
N CYS A 13 0.89 8.55 -0.08
CA CYS A 13 -0.24 9.14 0.60
C CYS A 13 -0.15 8.82 2.09
N LEU A 14 -1.18 8.22 2.64
CA LEU A 14 -1.20 7.78 4.04
C LEU A 14 -2.26 6.73 4.24
N SER A 15 -2.39 5.85 3.27
CA SER A 15 -3.29 4.72 3.39
C SER A 15 -2.56 3.54 4.03
N ALA A 16 -3.07 3.06 5.17
CA ALA A 16 -2.45 1.92 5.83
C ALA A 16 -3.02 0.62 5.31
N PHE A 17 -2.15 -0.33 5.01
CA PHE A 17 -2.57 -1.65 4.53
C PHE A 17 -2.00 -2.75 5.42
N THR A 18 -2.77 -3.81 5.62
CA THR A 18 -2.37 -4.88 6.51
C THR A 18 -1.15 -5.64 6.00
N THR A 19 -1.22 -6.10 4.76
CA THR A 19 -0.13 -6.85 4.15
C THR A 19 0.66 -5.96 3.22
N LYS A 20 1.94 -6.29 3.07
CA LYS A 20 2.81 -5.60 2.12
C LYS A 20 2.19 -5.67 0.74
N ALA A 21 1.63 -6.83 0.46
CA ALA A 21 1.07 -7.12 -0.83
C ALA A 21 0.02 -6.08 -1.22
N ASN A 22 -0.83 -5.69 -0.27
CA ASN A 22 -1.84 -4.67 -0.54
C ASN A 22 -1.19 -3.33 -0.87
N CYS A 23 -0.16 -2.97 -0.12
CA CYS A 23 0.56 -1.72 -0.36
C CYS A 23 1.22 -1.75 -1.73
N ALA A 24 1.82 -2.89 -2.09
CA ALA A 24 2.53 -3.04 -3.36
C ALA A 24 1.61 -2.78 -4.55
N ARG A 25 0.42 -3.39 -4.55
CA ARG A 25 -0.53 -3.18 -5.65
C ARG A 25 -1.04 -1.75 -5.64
N HIS A 26 -1.23 -1.21 -4.44
CA HIS A 26 -1.68 0.16 -4.26
C HIS A 26 -0.71 1.16 -4.88
N LEU A 27 0.57 0.94 -4.63
CA LEU A 27 1.62 1.91 -4.96
C LEU A 27 1.55 2.43 -6.41
N LYS A 28 1.19 1.55 -7.34
CA LYS A 28 1.18 1.90 -8.76
C LYS A 28 0.37 3.16 -9.07
N VAL A 29 -0.67 3.42 -8.28
CA VAL A 29 -1.53 4.58 -8.51
C VAL A 29 -0.72 5.88 -8.49
N HIS A 30 0.27 5.97 -7.61
CA HIS A 30 1.07 7.18 -7.48
C HIS A 30 2.09 7.33 -8.60
N THR A 31 1.60 7.12 -9.82
CA THR A 31 2.39 7.30 -11.03
C THR A 31 1.50 6.96 -12.24
N ASP A 32 0.71 5.91 -12.09
CA ASP A 32 -0.23 5.48 -13.11
C ASP A 32 -1.39 6.48 -13.23
N THR A 33 -2.12 6.65 -12.14
CA THR A 33 -3.21 7.63 -12.05
C THR A 33 -3.54 7.89 -10.58
N LEU A 34 -3.58 9.16 -10.18
CA LEU A 34 -3.73 9.52 -8.78
C LEU A 34 -4.44 10.87 -8.63
N SER A 35 -5.61 10.97 -9.22
CA SER A 35 -6.40 12.19 -9.14
C SER A 35 -7.87 11.87 -9.36
N GLY A 1 3.62 -15.28 7.84
CA GLY A 1 2.82 -14.35 7.01
C GLY A 1 1.33 -14.54 7.19
N SER A 2 0.88 -14.64 8.43
CA SER A 2 -0.53 -14.78 8.76
C SER A 2 -1.25 -13.43 8.62
N SER A 3 -1.08 -12.80 7.46
CA SER A 3 -1.56 -11.43 7.23
C SER A 3 -0.70 -10.42 8.00
N GLY A 4 -0.41 -9.31 7.36
CA GLY A 4 0.51 -8.33 7.91
C GLY A 4 0.01 -7.63 9.16
N LYS A 5 0.08 -6.30 9.14
CA LYS A 5 -0.28 -5.48 10.28
C LYS A 5 -0.52 -4.05 9.79
N ARG A 6 -1.08 -3.21 10.64
CA ARG A 6 -1.56 -1.89 10.21
C ARG A 6 -0.45 -0.83 9.95
N PRO A 7 0.77 -0.92 10.55
CA PRO A 7 1.83 0.10 10.35
C PRO A 7 2.33 0.23 8.92
N PHE A 8 1.80 -0.59 8.01
CA PHE A 8 2.20 -0.59 6.61
C PHE A 8 1.55 0.58 5.86
N VAL A 9 1.72 1.79 6.39
CA VAL A 9 1.09 2.96 5.79
C VAL A 9 1.87 3.40 4.56
N CYS A 10 1.14 3.81 3.53
CA CYS A 10 1.74 4.22 2.28
C CYS A 10 2.69 5.40 2.49
N ARG A 11 3.85 5.29 1.85
CA ARG A 11 4.86 6.32 1.89
C ARG A 11 4.39 7.58 1.15
N ILE A 12 3.69 7.41 0.03
CA ILE A 12 3.33 8.53 -0.82
C ILE A 12 2.13 9.28 -0.26
N CYS A 13 1.05 8.56 0.03
CA CYS A 13 -0.09 9.17 0.67
C CYS A 13 -0.07 8.87 2.18
N LEU A 14 -1.13 8.25 2.67
CA LEU A 14 -1.23 7.83 4.07
C LEU A 14 -2.28 6.76 4.22
N SER A 15 -2.40 5.92 3.20
CA SER A 15 -3.31 4.79 3.27
C SER A 15 -2.65 3.62 3.98
N ALA A 16 -3.28 3.12 5.03
CA ALA A 16 -2.73 2.00 5.78
C ALA A 16 -3.23 0.67 5.20
N PHE A 17 -2.31 -0.28 5.00
CA PHE A 17 -2.67 -1.60 4.49
C PHE A 17 -2.11 -2.69 5.39
N THR A 18 -2.85 -3.78 5.50
CA THR A 18 -2.44 -4.89 6.36
C THR A 18 -1.18 -5.59 5.84
N THR A 19 -1.25 -6.10 4.63
CA THR A 19 -0.11 -6.79 4.03
C THR A 19 0.68 -5.86 3.13
N LYS A 20 1.98 -6.15 3.01
CA LYS A 20 2.83 -5.47 2.05
C LYS A 20 2.27 -5.61 0.66
N ALA A 21 1.69 -6.77 0.40
CA ALA A 21 1.15 -7.07 -0.91
C ALA A 21 0.09 -6.05 -1.31
N ASN A 22 -0.76 -5.65 -0.37
CA ASN A 22 -1.76 -4.62 -0.65
C ASN A 22 -1.08 -3.29 -0.96
N CYS A 23 -0.07 -2.95 -0.18
CA CYS A 23 0.67 -1.73 -0.38
C CYS A 23 1.34 -1.73 -1.75
N ALA A 24 1.87 -2.88 -2.14
CA ALA A 24 2.53 -3.03 -3.44
C ALA A 24 1.58 -2.77 -4.60
N ARG A 25 0.41 -3.40 -4.56
CA ARG A 25 -0.59 -3.20 -5.61
C ARG A 25 -1.12 -1.78 -5.56
N HIS A 26 -1.15 -1.20 -4.36
CA HIS A 26 -1.58 0.18 -4.17
C HIS A 26 -0.61 1.17 -4.84
N LEU A 27 0.67 0.97 -4.58
CA LEU A 27 1.71 1.95 -4.92
C LEU A 27 1.59 2.45 -6.36
N LYS A 28 1.28 1.54 -7.27
CA LYS A 28 1.19 1.84 -8.69
C LYS A 28 0.22 2.99 -9.00
N VAL A 29 -0.79 3.21 -8.14
CA VAL A 29 -1.74 4.30 -8.35
C VAL A 29 -1.03 5.65 -8.43
N HIS A 30 0.03 5.81 -7.64
CA HIS A 30 0.77 7.06 -7.59
C HIS A 30 1.69 7.22 -8.78
N THR A 31 1.26 6.71 -9.91
CA THR A 31 2.01 6.80 -11.15
C THR A 31 1.08 6.53 -12.33
N ASP A 32 0.25 5.48 -12.21
CA ASP A 32 -0.73 5.16 -13.25
C ASP A 32 -1.90 6.12 -13.21
N THR A 33 -2.58 6.17 -12.07
CA THR A 33 -3.72 7.06 -11.88
C THR A 33 -4.03 7.20 -10.40
N LEU A 34 -4.23 8.42 -9.94
CA LEU A 34 -4.50 8.68 -8.54
C LEU A 34 -5.49 9.83 -8.42
N SER A 35 -6.53 9.75 -9.24
CA SER A 35 -7.60 10.74 -9.20
C SER A 35 -8.51 10.46 -8.01
N GLY A 1 9.11 -11.99 6.51
CA GLY A 1 7.86 -11.81 5.71
C GLY A 1 6.74 -11.17 6.51
N SER A 2 7.02 -10.05 7.14
CA SER A 2 6.02 -9.33 7.94
C SER A 2 4.80 -8.99 7.09
N SER A 3 3.62 -9.36 7.59
CA SER A 3 2.39 -9.16 6.86
C SER A 3 1.20 -9.55 7.74
N GLY A 4 0.16 -8.73 7.73
CA GLY A 4 -1.03 -9.03 8.53
C GLY A 4 -1.43 -7.88 9.44
N LYS A 5 -0.52 -7.44 10.30
CA LYS A 5 -0.76 -6.28 11.17
C LYS A 5 -0.78 -4.99 10.36
N ARG A 6 -1.57 -4.01 10.79
CA ARG A 6 -1.79 -2.82 9.97
C ARG A 6 -0.95 -1.57 10.32
N PRO A 7 0.32 -1.65 10.80
CA PRO A 7 1.12 -0.46 10.97
C PRO A 7 1.75 -0.05 9.65
N PHE A 8 1.39 -0.77 8.61
CA PHE A 8 1.87 -0.53 7.25
C PHE A 8 1.14 0.67 6.69
N VAL A 9 1.85 1.64 6.15
CA VAL A 9 1.22 2.81 5.62
C VAL A 9 1.98 3.33 4.41
N CYS A 10 1.23 3.74 3.41
CA CYS A 10 1.79 4.18 2.15
C CYS A 10 2.72 5.37 2.36
N ARG A 11 3.86 5.30 1.72
CA ARG A 11 4.87 6.36 1.81
C ARG A 11 4.44 7.57 1.00
N ILE A 12 3.74 7.33 -0.10
CA ILE A 12 3.34 8.42 -0.99
C ILE A 12 2.13 9.17 -0.41
N CYS A 13 1.09 8.44 -0.03
CA CYS A 13 -0.03 9.06 0.66
C CYS A 13 0.04 8.71 2.15
N LEU A 14 -1.03 8.14 2.67
CA LEU A 14 -1.10 7.71 4.07
C LEU A 14 -2.20 6.68 4.24
N SER A 15 -2.31 5.79 3.27
CA SER A 15 -3.25 4.69 3.37
C SER A 15 -2.60 3.52 4.09
N ALA A 16 -3.23 3.04 5.15
CA ALA A 16 -2.73 1.90 5.90
C ALA A 16 -3.26 0.59 5.33
N PHE A 17 -2.40 -0.42 5.23
CA PHE A 17 -2.82 -1.73 4.73
C PHE A 17 -2.29 -2.84 5.62
N THR A 18 -3.04 -3.91 5.72
CA THR A 18 -2.65 -5.07 6.50
C THR A 18 -1.35 -5.68 5.99
N THR A 19 -1.25 -5.81 4.69
CA THR A 19 -0.16 -6.53 4.09
C THR A 19 0.66 -5.64 3.17
N LYS A 20 1.96 -5.92 3.13
CA LYS A 20 2.84 -5.27 2.17
C LYS A 20 2.33 -5.51 0.77
N ALA A 21 1.74 -6.68 0.61
CA ALA A 21 1.24 -7.11 -0.66
C ALA A 21 0.22 -6.11 -1.22
N ASN A 22 -0.70 -5.66 -0.37
CA ASN A 22 -1.65 -4.62 -0.76
C ASN A 22 -0.94 -3.32 -1.09
N CYS A 23 0.01 -2.94 -0.24
CA CYS A 23 0.77 -1.71 -0.44
C CYS A 23 1.47 -1.71 -1.80
N ALA A 24 2.00 -2.87 -2.17
CA ALA A 24 2.70 -3.03 -3.44
C ALA A 24 1.79 -2.73 -4.63
N ARG A 25 0.61 -3.35 -4.66
CA ARG A 25 -0.33 -3.14 -5.75
C ARG A 25 -0.96 -1.74 -5.70
N HIS A 26 -1.14 -1.22 -4.49
CA HIS A 26 -1.63 0.14 -4.28
C HIS A 26 -0.70 1.17 -4.94
N LEU A 27 0.61 0.94 -4.80
CA LEU A 27 1.62 1.92 -5.18
C LEU A 27 1.44 2.46 -6.60
N LYS A 28 1.01 1.60 -7.53
CA LYS A 28 0.89 1.97 -8.94
C LYS A 28 0.06 3.25 -9.14
N VAL A 29 -0.97 3.45 -8.32
CA VAL A 29 -1.86 4.59 -8.49
C VAL A 29 -1.06 5.90 -8.52
N HIS A 30 0.00 5.97 -7.71
CA HIS A 30 0.83 7.17 -7.64
C HIS A 30 1.85 7.25 -8.78
N THR A 31 1.57 6.57 -9.88
CA THR A 31 2.47 6.58 -11.03
C THR A 31 1.85 5.80 -12.20
N ASP A 32 0.53 5.84 -12.28
CA ASP A 32 -0.22 5.19 -13.35
C ASP A 32 -1.68 5.60 -13.27
N THR A 33 -2.25 5.99 -14.40
CA THR A 33 -3.65 6.36 -14.45
C THR A 33 -4.52 5.11 -14.47
N LEU A 34 -5.54 5.09 -13.62
CA LEU A 34 -6.37 3.90 -13.47
C LEU A 34 -7.37 3.79 -14.62
N SER A 35 -8.10 4.88 -14.88
CA SER A 35 -9.08 4.89 -15.95
C SER A 35 -8.42 5.08 -17.31
N GLY A 1 8.71 -13.95 6.81
CA GLY A 1 9.00 -13.34 5.49
C GLY A 1 8.09 -12.17 5.20
N SER A 2 6.80 -12.35 5.43
CA SER A 2 5.81 -11.32 5.19
C SER A 2 4.47 -11.74 5.80
N SER A 3 3.83 -10.80 6.47
CA SER A 3 2.58 -11.05 7.16
C SER A 3 1.90 -9.76 7.54
N GLY A 4 0.60 -9.69 7.32
CA GLY A 4 -0.16 -8.48 7.54
C GLY A 4 0.01 -7.88 8.93
N LYS A 5 0.14 -6.57 8.96
CA LYS A 5 0.31 -5.81 10.18
C LYS A 5 0.03 -4.34 9.82
N ARG A 6 -0.46 -3.57 10.77
CA ARG A 6 -1.08 -2.28 10.44
C ARG A 6 -0.11 -1.15 10.03
N PRO A 7 1.16 -1.09 10.51
CA PRO A 7 2.10 0.01 10.16
C PRO A 7 2.60 -0.03 8.72
N PHE A 8 1.84 -0.65 7.83
CA PHE A 8 2.21 -0.72 6.41
C PHE A 8 1.61 0.44 5.65
N VAL A 9 1.80 1.64 6.17
CA VAL A 9 1.19 2.84 5.61
C VAL A 9 1.94 3.28 4.35
N CYS A 10 1.19 3.77 3.38
CA CYS A 10 1.75 4.23 2.12
C CYS A 10 2.75 5.35 2.32
N ARG A 11 3.83 5.28 1.56
CA ARG A 11 4.85 6.30 1.58
C ARG A 11 4.33 7.60 0.99
N ILE A 12 3.62 7.48 -0.12
CA ILE A 12 3.26 8.65 -0.90
C ILE A 12 2.06 9.38 -0.29
N CYS A 13 0.99 8.65 0.00
CA CYS A 13 -0.11 9.24 0.73
C CYS A 13 0.00 8.85 2.20
N LEU A 14 -1.05 8.25 2.73
CA LEU A 14 -1.05 7.73 4.10
C LEU A 14 -2.14 6.70 4.25
N SER A 15 -2.36 5.93 3.20
CA SER A 15 -3.30 4.83 3.25
C SER A 15 -2.62 3.62 3.90
N ALA A 16 -3.23 3.11 4.97
CA ALA A 16 -2.67 1.96 5.66
C ALA A 16 -3.24 0.66 5.10
N PHE A 17 -2.39 -0.31 4.88
CA PHE A 17 -2.81 -1.62 4.37
C PHE A 17 -2.24 -2.71 5.26
N THR A 18 -3.01 -3.77 5.48
CA THR A 18 -2.58 -4.84 6.37
C THR A 18 -1.33 -5.55 5.86
N THR A 19 -1.40 -6.10 4.66
CA THR A 19 -0.28 -6.83 4.11
C THR A 19 0.57 -5.97 3.18
N LYS A 20 1.85 -6.32 3.10
CA LYS A 20 2.74 -5.75 2.10
C LYS A 20 2.14 -5.91 0.74
N ALA A 21 1.52 -7.06 0.56
CA ALA A 21 0.93 -7.42 -0.70
C ALA A 21 -0.08 -6.37 -1.17
N ASN A 22 -0.90 -5.89 -0.24
CA ASN A 22 -1.84 -4.82 -0.56
C ASN A 22 -1.11 -3.50 -0.79
N CYS A 23 -0.16 -3.22 0.08
CA CYS A 23 0.56 -1.95 0.04
C CYS A 23 1.33 -1.79 -1.27
N ALA A 24 2.09 -2.81 -1.63
CA ALA A 24 2.93 -2.78 -2.83
C ALA A 24 2.12 -2.51 -4.09
N ARG A 25 0.99 -3.19 -4.23
CA ARG A 25 0.14 -3.03 -5.41
C ARG A 25 -0.49 -1.65 -5.46
N HIS A 26 -0.75 -1.09 -4.28
CA HIS A 26 -1.31 0.25 -4.14
C HIS A 26 -0.46 1.30 -4.85
N LEU A 27 0.85 1.18 -4.72
CA LEU A 27 1.80 2.16 -5.25
C LEU A 27 1.51 2.57 -6.69
N LYS A 28 0.98 1.66 -7.49
CA LYS A 28 0.71 1.94 -8.90
C LYS A 28 -0.14 3.20 -9.07
N VAL A 29 -1.09 3.43 -8.17
CA VAL A 29 -1.99 4.57 -8.30
C VAL A 29 -1.21 5.89 -8.43
N HIS A 30 -0.16 6.03 -7.64
CA HIS A 30 0.65 7.24 -7.67
C HIS A 30 1.60 7.25 -8.87
N THR A 31 2.39 6.19 -9.00
CA THR A 31 3.37 6.09 -10.07
C THR A 31 2.77 5.49 -11.36
N ASP A 32 1.56 5.92 -11.69
CA ASP A 32 0.86 5.43 -12.88
C ASP A 32 -0.42 6.23 -13.09
N THR A 33 -1.55 5.69 -12.66
CA THR A 33 -2.83 6.38 -12.86
C THR A 33 -3.90 5.83 -11.92
N LEU A 34 -4.85 6.69 -11.57
CA LEU A 34 -5.98 6.29 -10.73
C LEU A 34 -7.13 7.27 -10.95
N SER A 35 -6.80 8.55 -11.00
CA SER A 35 -7.75 9.61 -11.28
C SER A 35 -7.01 10.87 -11.68
N GLY A 1 2.24 -15.27 2.22
CA GLY A 1 2.02 -13.92 2.76
C GLY A 1 0.86 -13.86 3.73
N SER A 2 1.09 -13.23 4.87
CA SER A 2 0.07 -13.07 5.91
C SER A 2 0.53 -12.02 6.92
N SER A 3 0.93 -10.86 6.39
CA SER A 3 1.51 -9.81 7.20
C SER A 3 0.57 -9.42 8.33
N GLY A 4 -0.66 -9.11 7.97
CA GLY A 4 -1.70 -8.81 8.95
C GLY A 4 -1.27 -7.78 9.97
N LYS A 5 -0.73 -6.68 9.48
CA LYS A 5 -0.11 -5.68 10.33
C LYS A 5 -0.36 -4.28 9.74
N ARG A 6 -0.89 -3.39 10.57
CA ARG A 6 -1.44 -2.11 10.08
C ARG A 6 -0.41 -1.00 9.76
N PRO A 7 0.76 -0.92 10.45
CA PRO A 7 1.74 0.18 10.23
C PRO A 7 2.35 0.20 8.83
N PHE A 8 1.70 -0.48 7.89
CA PHE A 8 2.12 -0.49 6.51
C PHE A 8 1.52 0.71 5.78
N VAL A 9 1.68 1.89 6.36
CA VAL A 9 1.07 3.08 5.81
C VAL A 9 1.88 3.57 4.62
N CYS A 10 1.20 3.95 3.57
CA CYS A 10 1.84 4.38 2.35
C CYS A 10 2.62 5.67 2.58
N ARG A 11 3.86 5.67 2.12
CA ARG A 11 4.73 6.83 2.27
C ARG A 11 4.27 7.99 1.38
N ILE A 12 3.71 7.67 0.22
CA ILE A 12 3.33 8.70 -0.74
C ILE A 12 2.04 9.41 -0.31
N CYS A 13 1.03 8.63 0.05
CA CYS A 13 -0.16 9.20 0.64
C CYS A 13 -0.16 8.92 2.15
N LEU A 14 -1.20 8.26 2.64
CA LEU A 14 -1.28 7.83 4.03
C LEU A 14 -2.31 6.72 4.18
N SER A 15 -2.38 5.86 3.17
CA SER A 15 -3.25 4.70 3.24
C SER A 15 -2.53 3.57 4.00
N ALA A 16 -3.15 3.05 5.04
CA ALA A 16 -2.54 1.96 5.81
C ALA A 16 -3.06 0.61 5.33
N PHE A 17 -2.15 -0.33 5.09
CA PHE A 17 -2.54 -1.65 4.60
C PHE A 17 -2.07 -2.74 5.54
N THR A 18 -2.82 -3.83 5.59
CA THR A 18 -2.51 -4.95 6.48
C THR A 18 -1.26 -5.71 6.02
N THR A 19 -1.07 -5.79 4.72
CA THR A 19 -0.01 -6.62 4.17
C THR A 19 0.76 -5.88 3.10
N LYS A 20 2.04 -6.24 2.95
CA LYS A 20 2.87 -5.68 1.90
C LYS A 20 2.20 -5.88 0.56
N ALA A 21 1.52 -7.01 0.44
CA ALA A 21 0.84 -7.39 -0.77
C ALA A 21 -0.15 -6.31 -1.20
N ASN A 22 -0.91 -5.79 -0.25
CA ASN A 22 -1.84 -4.70 -0.52
C ASN A 22 -1.11 -3.44 -0.92
N CYS A 23 -0.02 -3.14 -0.23
CA CYS A 23 0.78 -1.95 -0.52
C CYS A 23 1.36 -2.04 -1.93
N ALA A 24 1.83 -3.23 -2.30
CA ALA A 24 2.43 -3.45 -3.61
C ALA A 24 1.48 -3.11 -4.75
N ARG A 25 0.24 -3.60 -4.67
CA ARG A 25 -0.74 -3.30 -5.71
C ARG A 25 -1.15 -1.83 -5.67
N HIS A 26 -1.19 -1.28 -4.46
CA HIS A 26 -1.56 0.12 -4.26
C HIS A 26 -0.58 1.08 -4.93
N LEU A 27 0.70 0.83 -4.71
CA LEU A 27 1.74 1.81 -5.01
C LEU A 27 1.63 2.41 -6.42
N LYS A 28 1.29 1.58 -7.40
CA LYS A 28 1.26 2.02 -8.79
C LYS A 28 0.37 3.25 -8.99
N VAL A 29 -0.70 3.38 -8.21
CA VAL A 29 -1.66 4.48 -8.38
C VAL A 29 -0.96 5.84 -8.43
N HIS A 30 0.13 5.96 -7.68
CA HIS A 30 0.86 7.22 -7.61
C HIS A 30 1.76 7.38 -8.82
N THR A 31 2.51 6.34 -9.13
CA THR A 31 3.48 6.40 -10.21
C THR A 31 2.81 6.30 -11.58
N ASP A 32 1.99 5.29 -11.76
CA ASP A 32 1.22 5.12 -12.98
C ASP A 32 -0.15 5.76 -12.81
N THR A 33 -0.47 6.70 -13.67
CA THR A 33 -1.75 7.37 -13.60
C THR A 33 -2.86 6.51 -14.20
N LEU A 34 -3.98 6.42 -13.50
CA LEU A 34 -5.10 5.60 -13.94
C LEU A 34 -5.91 6.31 -15.02
N SER A 35 -5.22 6.86 -16.01
CA SER A 35 -5.86 7.59 -17.09
C SER A 35 -4.89 7.72 -18.26
N GLY A 1 3.52 -16.33 3.87
CA GLY A 1 3.46 -15.80 5.26
C GLY A 1 2.98 -14.37 5.29
N SER A 2 1.89 -14.08 4.58
CA SER A 2 1.32 -12.74 4.48
C SER A 2 0.65 -12.30 5.79
N SER A 3 1.36 -12.44 6.89
CA SER A 3 0.88 -11.99 8.20
C SER A 3 1.01 -10.48 8.33
N GLY A 4 0.47 -9.75 7.36
CA GLY A 4 0.61 -8.30 7.33
C GLY A 4 0.15 -7.62 8.62
N LYS A 5 0.94 -6.65 9.05
CA LYS A 5 0.66 -5.91 10.28
C LYS A 5 0.04 -4.56 9.93
N ARG A 6 -0.30 -3.77 10.94
CA ARG A 6 -0.99 -2.49 10.75
C ARG A 6 -0.10 -1.31 10.29
N PRO A 7 1.19 -1.19 10.71
CA PRO A 7 2.06 -0.04 10.37
C PRO A 7 2.53 0.00 8.91
N PHE A 8 1.76 -0.61 8.03
CA PHE A 8 2.12 -0.64 6.61
C PHE A 8 1.48 0.54 5.88
N VAL A 9 1.66 1.73 6.42
CA VAL A 9 1.05 2.92 5.83
C VAL A 9 1.86 3.37 4.62
N CYS A 10 1.16 3.80 3.58
CA CYS A 10 1.77 4.20 2.34
C CYS A 10 2.71 5.39 2.53
N ARG A 11 3.88 5.28 1.93
CA ARG A 11 4.88 6.33 1.97
C ARG A 11 4.41 7.56 1.22
N ILE A 12 3.76 7.32 0.08
CA ILE A 12 3.42 8.40 -0.83
C ILE A 12 2.20 9.17 -0.33
N CYS A 13 1.14 8.45 0.03
CA CYS A 13 0.01 9.09 0.67
C CYS A 13 0.03 8.81 2.16
N LEU A 14 -1.04 8.23 2.67
CA LEU A 14 -1.15 7.82 4.07
C LEU A 14 -2.24 6.79 4.22
N SER A 15 -2.36 5.93 3.22
CA SER A 15 -3.30 4.84 3.27
C SER A 15 -2.69 3.65 4.02
N ALA A 16 -3.37 3.17 5.05
CA ALA A 16 -2.88 2.05 5.83
C ALA A 16 -3.34 0.73 5.21
N PHE A 17 -2.44 -0.26 5.17
CA PHE A 17 -2.78 -1.57 4.64
C PHE A 17 -2.22 -2.67 5.52
N THR A 18 -2.89 -3.81 5.55
CA THR A 18 -2.48 -4.91 6.39
C THR A 18 -1.21 -5.57 5.85
N THR A 19 -1.29 -6.15 4.66
CA THR A 19 -0.14 -6.82 4.07
C THR A 19 0.65 -5.87 3.18
N LYS A 20 1.95 -6.14 3.07
CA LYS A 20 2.82 -5.45 2.14
C LYS A 20 2.28 -5.58 0.74
N ALA A 21 1.72 -6.74 0.48
CA ALA A 21 1.20 -7.06 -0.83
C ALA A 21 0.16 -6.04 -1.27
N ASN A 22 -0.71 -5.63 -0.35
CA ASN A 22 -1.72 -4.61 -0.67
C ASN A 22 -1.05 -3.28 -0.99
N CYS A 23 -0.04 -2.91 -0.20
CA CYS A 23 0.66 -1.66 -0.41
C CYS A 23 1.38 -1.67 -1.76
N ALA A 24 1.98 -2.80 -2.10
CA ALA A 24 2.71 -2.95 -3.35
C ALA A 24 1.81 -2.71 -4.56
N ARG A 25 0.64 -3.36 -4.58
CA ARG A 25 -0.30 -3.19 -5.69
C ARG A 25 -0.88 -1.78 -5.68
N HIS A 26 -1.09 -1.25 -4.47
CA HIS A 26 -1.56 0.11 -4.29
C HIS A 26 -0.63 1.13 -4.96
N LEU A 27 0.67 0.92 -4.78
CA LEU A 27 1.69 1.90 -5.17
C LEU A 27 1.48 2.45 -6.58
N LYS A 28 1.10 1.57 -7.51
CA LYS A 28 0.95 1.95 -8.91
C LYS A 28 -0.04 3.09 -9.12
N VAL A 29 -0.97 3.29 -8.18
CA VAL A 29 -1.91 4.41 -8.28
C VAL A 29 -1.15 5.73 -8.37
N HIS A 30 -0.06 5.84 -7.61
CA HIS A 30 0.77 7.05 -7.62
C HIS A 30 1.70 7.10 -8.84
N THR A 31 1.32 6.43 -9.91
CA THR A 31 2.08 6.46 -11.14
C THR A 31 1.32 5.72 -12.24
N ASP A 32 0.01 5.85 -12.19
CA ASP A 32 -0.90 5.24 -13.16
C ASP A 32 -2.29 5.81 -12.99
N THR A 33 -2.78 5.80 -11.77
CA THR A 33 -4.09 6.34 -11.45
C THR A 33 -3.97 7.83 -11.07
N LEU A 34 -3.29 8.59 -11.92
CA LEU A 34 -3.07 10.02 -11.69
C LEU A 34 -2.90 10.74 -13.02
N SER A 35 -3.46 11.93 -13.10
CA SER A 35 -3.41 12.72 -14.32
C SER A 35 -3.71 14.17 -13.96
N GLY A 1 6.56 -14.24 2.07
CA GLY A 1 6.67 -12.92 1.42
C GLY A 1 6.44 -11.79 2.40
N SER A 2 5.37 -11.89 3.18
CA SER A 2 5.04 -10.90 4.20
C SER A 2 3.78 -11.33 4.96
N SER A 3 2.80 -10.42 5.01
CA SER A 3 1.51 -10.65 5.68
C SER A 3 1.67 -10.77 7.20
N GLY A 4 0.88 -9.99 7.91
CA GLY A 4 0.94 -10.01 9.37
C GLY A 4 0.38 -8.75 9.99
N LYS A 5 1.14 -8.20 10.94
CA LYS A 5 0.79 -6.96 11.61
C LYS A 5 0.63 -5.82 10.59
N ARG A 6 -0.24 -4.86 10.90
CA ARG A 6 -0.54 -3.75 10.01
C ARG A 6 0.10 -2.41 10.47
N PRO A 7 1.44 -2.31 10.60
CA PRO A 7 2.09 -1.05 10.91
C PRO A 7 2.28 -0.24 9.62
N PHE A 8 1.87 -0.85 8.53
CA PHE A 8 2.17 -0.36 7.19
C PHE A 8 1.27 0.80 6.83
N VAL A 9 1.87 1.83 6.27
CA VAL A 9 1.16 2.99 5.79
C VAL A 9 1.86 3.50 4.54
N CYS A 10 1.10 3.94 3.57
CA CYS A 10 1.65 4.35 2.30
C CYS A 10 2.61 5.51 2.49
N ARG A 11 3.76 5.41 1.83
CA ARG A 11 4.77 6.44 1.90
C ARG A 11 4.34 7.69 1.16
N ILE A 12 3.66 7.50 0.03
CA ILE A 12 3.28 8.63 -0.81
C ILE A 12 2.05 9.33 -0.25
N CYS A 13 0.98 8.57 0.00
CA CYS A 13 -0.19 9.14 0.66
C CYS A 13 -0.16 8.80 2.15
N LEU A 14 -1.23 8.17 2.63
CA LEU A 14 -1.32 7.73 4.03
C LEU A 14 -2.33 6.61 4.15
N SER A 15 -2.40 5.77 3.13
CA SER A 15 -3.27 4.61 3.19
C SER A 15 -2.56 3.48 3.94
N ALA A 16 -3.17 3.01 5.02
CA ALA A 16 -2.61 1.91 5.79
C ALA A 16 -3.05 0.57 5.21
N PHE A 17 -2.14 -0.39 5.15
CA PHE A 17 -2.48 -1.72 4.64
C PHE A 17 -1.97 -2.80 5.57
N THR A 18 -2.78 -3.84 5.72
CA THR A 18 -2.45 -4.98 6.58
C THR A 18 -1.17 -5.68 6.13
N THR A 19 -0.98 -5.76 4.82
CA THR A 19 0.12 -6.52 4.26
C THR A 19 0.81 -5.71 3.17
N LYS A 20 2.11 -5.96 3.00
CA LYS A 20 2.88 -5.35 1.93
C LYS A 20 2.22 -5.68 0.60
N ALA A 21 1.64 -6.87 0.57
CA ALA A 21 0.94 -7.40 -0.60
C ALA A 21 -0.12 -6.42 -1.10
N ASN A 22 -0.88 -5.84 -0.17
CA ASN A 22 -1.89 -4.84 -0.53
C ASN A 22 -1.23 -3.54 -0.99
N CYS A 23 -0.19 -3.12 -0.28
CA CYS A 23 0.49 -1.87 -0.59
C CYS A 23 1.14 -1.94 -1.98
N ALA A 24 1.69 -3.10 -2.31
CA ALA A 24 2.38 -3.30 -3.58
C ALA A 24 1.47 -2.97 -4.78
N ARG A 25 0.24 -3.47 -4.74
CA ARG A 25 -0.72 -3.21 -5.81
C ARG A 25 -1.15 -1.74 -5.80
N HIS A 26 -1.22 -1.18 -4.60
CA HIS A 26 -1.61 0.21 -4.39
C HIS A 26 -0.63 1.19 -5.05
N LEU A 27 0.66 0.94 -4.84
CA LEU A 27 1.70 1.92 -5.15
C LEU A 27 1.60 2.49 -6.56
N LYS A 28 1.27 1.64 -7.53
CA LYS A 28 1.21 2.04 -8.94
C LYS A 28 0.34 3.28 -9.17
N VAL A 29 -0.67 3.49 -8.33
CA VAL A 29 -1.57 4.62 -8.50
C VAL A 29 -0.80 5.96 -8.49
N HIS A 30 0.24 6.03 -7.67
CA HIS A 30 1.04 7.25 -7.56
C HIS A 30 2.04 7.39 -8.70
N THR A 31 1.60 7.10 -9.92
CA THR A 31 2.43 7.28 -11.10
C THR A 31 1.61 6.96 -12.36
N ASP A 32 0.92 5.83 -12.34
CA ASP A 32 -0.02 5.51 -13.41
C ASP A 32 -1.35 6.19 -13.12
N THR A 33 -2.45 5.55 -13.49
CA THR A 33 -3.76 6.02 -13.09
C THR A 33 -4.04 5.58 -11.65
N LEU A 34 -4.65 6.47 -10.87
CA LEU A 34 -4.87 6.22 -9.45
C LEU A 34 -6.04 5.27 -9.20
N SER A 35 -6.08 4.17 -9.92
CA SER A 35 -7.10 3.16 -9.73
C SER A 35 -6.65 1.84 -10.34
N GLY A 1 1.56 -16.35 6.74
CA GLY A 1 0.50 -15.46 7.27
C GLY A 1 -0.15 -14.63 6.19
N SER A 2 -1.47 -14.56 6.21
CA SER A 2 -2.24 -13.74 5.28
C SER A 2 -2.14 -12.26 5.67
N SER A 3 -3.27 -11.56 5.66
CA SER A 3 -3.29 -10.18 6.09
C SER A 3 -3.11 -10.10 7.61
N GLY A 4 -2.10 -9.35 8.05
CA GLY A 4 -1.87 -9.20 9.47
C GLY A 4 -2.69 -8.07 10.08
N LYS A 5 -2.07 -7.31 10.98
CA LYS A 5 -2.66 -6.08 11.46
C LYS A 5 -2.47 -4.98 10.41
N ARG A 6 -2.83 -3.75 10.75
CA ARG A 6 -2.68 -2.63 9.81
C ARG A 6 -1.66 -1.58 10.29
N PRO A 7 -0.38 -1.96 10.43
CA PRO A 7 0.69 -1.05 10.82
C PRO A 7 1.22 -0.26 9.63
N PHE A 8 1.12 -0.88 8.46
CA PHE A 8 1.76 -0.39 7.26
C PHE A 8 0.98 0.80 6.72
N VAL A 9 1.67 1.88 6.43
CA VAL A 9 1.03 3.05 5.85
C VAL A 9 1.79 3.47 4.60
N CYS A 10 1.06 3.84 3.58
CA CYS A 10 1.66 4.19 2.31
C CYS A 10 2.65 5.34 2.47
N ARG A 11 3.78 5.21 1.82
CA ARG A 11 4.85 6.18 1.91
C ARG A 11 4.45 7.47 1.18
N ILE A 12 3.76 7.33 0.05
CA ILE A 12 3.42 8.49 -0.76
C ILE A 12 2.21 9.23 -0.21
N CYS A 13 1.12 8.50 0.06
CA CYS A 13 -0.03 9.11 0.69
C CYS A 13 -0.03 8.78 2.18
N LEU A 14 -1.11 8.20 2.67
CA LEU A 14 -1.23 7.76 4.05
C LEU A 14 -2.30 6.69 4.18
N SER A 15 -2.41 5.85 3.17
CA SER A 15 -3.31 4.73 3.22
C SER A 15 -2.67 3.56 3.98
N ALA A 16 -3.32 3.11 5.05
CA ALA A 16 -2.81 1.98 5.82
C ALA A 16 -3.26 0.65 5.20
N PHE A 17 -2.35 -0.31 5.15
CA PHE A 17 -2.65 -1.64 4.66
C PHE A 17 -2.03 -2.68 5.59
N THR A 18 -2.65 -3.84 5.66
CA THR A 18 -2.16 -4.92 6.49
C THR A 18 -0.80 -5.41 6.07
N THR A 19 -0.62 -5.53 4.76
CA THR A 19 0.52 -6.22 4.21
C THR A 19 1.14 -5.45 3.06
N LYS A 20 2.42 -5.72 2.82
CA LYS A 20 3.10 -5.19 1.65
C LYS A 20 2.38 -5.64 0.40
N ALA A 21 1.76 -6.80 0.52
CA ALA A 21 1.02 -7.40 -0.57
C ALA A 21 -0.06 -6.46 -1.10
N ASN A 22 -0.85 -5.92 -0.18
CA ASN A 22 -1.87 -4.93 -0.53
C ASN A 22 -1.23 -3.62 -0.97
N CYS A 23 -0.17 -3.22 -0.27
CA CYS A 23 0.51 -1.96 -0.57
C CYS A 23 1.08 -1.96 -1.99
N ALA A 24 1.62 -3.10 -2.42
CA ALA A 24 2.28 -3.21 -3.73
C ALA A 24 1.34 -2.84 -4.87
N ARG A 25 0.13 -3.42 -4.87
CA ARG A 25 -0.84 -3.12 -5.92
C ARG A 25 -1.27 -1.65 -5.85
N HIS A 26 -1.38 -1.14 -4.65
CA HIS A 26 -1.74 0.26 -4.42
C HIS A 26 -0.70 1.21 -5.00
N LEU A 27 0.57 0.93 -4.72
CA LEU A 27 1.66 1.86 -4.97
C LEU A 27 1.64 2.44 -6.39
N LYS A 28 1.31 1.61 -7.37
CA LYS A 28 1.32 2.01 -8.77
C LYS A 28 0.37 3.17 -9.07
N VAL A 29 -0.66 3.39 -8.25
CA VAL A 29 -1.57 4.52 -8.46
C VAL A 29 -0.81 5.84 -8.47
N HIS A 30 0.20 5.93 -7.62
CA HIS A 30 1.00 7.13 -7.55
C HIS A 30 1.92 7.21 -8.74
N THR A 31 2.56 6.10 -9.03
CA THR A 31 3.43 6.01 -10.18
C THR A 31 2.67 5.66 -11.47
N ASP A 32 1.48 6.25 -11.66
CA ASP A 32 0.70 6.01 -12.88
C ASP A 32 -0.51 6.95 -12.97
N THR A 33 -1.51 6.76 -12.11
CA THR A 33 -2.71 7.58 -12.17
C THR A 33 -2.53 8.90 -11.42
N LEU A 34 -1.34 9.46 -11.55
CA LEU A 34 -1.04 10.80 -11.02
C LEU A 34 -0.16 11.54 -12.01
N SER A 35 -0.51 11.41 -13.27
CA SER A 35 0.21 12.09 -14.35
C SER A 35 -0.69 12.12 -15.57
N GLY A 1 4.21 -13.22 2.02
CA GLY A 1 5.25 -12.89 3.02
C GLY A 1 4.84 -11.76 3.94
N SER A 2 5.13 -11.93 5.23
CA SER A 2 4.88 -10.92 6.27
C SER A 2 3.43 -10.40 6.26
N SER A 3 2.49 -11.31 6.06
CA SER A 3 1.07 -10.96 6.16
C SER A 3 0.65 -10.85 7.63
N GLY A 4 -0.06 -9.80 8.00
CA GLY A 4 -0.47 -9.67 9.38
C GLY A 4 -1.00 -8.31 9.77
N LYS A 5 -0.44 -7.81 10.88
CA LYS A 5 -0.86 -6.55 11.51
C LYS A 5 -0.83 -5.37 10.55
N ARG A 6 -1.63 -4.35 10.87
CA ARG A 6 -1.86 -3.21 9.97
C ARG A 6 -1.08 -1.91 10.36
N PRO A 7 0.22 -1.96 10.76
CA PRO A 7 0.99 -0.74 11.00
C PRO A 7 1.61 -0.23 9.70
N PHE A 8 1.30 -0.92 8.61
CA PHE A 8 1.81 -0.60 7.29
C PHE A 8 1.05 0.60 6.74
N VAL A 9 1.76 1.52 6.11
CA VAL A 9 1.14 2.71 5.59
C VAL A 9 1.89 3.19 4.36
N CYS A 10 1.15 3.71 3.40
CA CYS A 10 1.72 4.16 2.15
C CYS A 10 2.69 5.30 2.39
N ARG A 11 3.83 5.22 1.72
CA ARG A 11 4.84 6.25 1.83
C ARG A 11 4.46 7.49 1.02
N ILE A 12 3.73 7.29 -0.08
CA ILE A 12 3.34 8.41 -0.93
C ILE A 12 2.14 9.16 -0.35
N CYS A 13 1.06 8.45 -0.07
CA CYS A 13 -0.06 9.08 0.61
C CYS A 13 0.00 8.74 2.10
N LEU A 14 -1.07 8.19 2.64
CA LEU A 14 -1.10 7.73 4.02
C LEU A 14 -2.19 6.68 4.18
N SER A 15 -2.34 5.85 3.17
CA SER A 15 -3.25 4.73 3.24
C SER A 15 -2.61 3.58 4.00
N ALA A 16 -3.25 3.13 5.07
CA ALA A 16 -2.74 2.02 5.85
C ALA A 16 -3.24 0.69 5.31
N PHE A 17 -2.37 -0.32 5.30
CA PHE A 17 -2.72 -1.64 4.79
C PHE A 17 -2.18 -2.73 5.71
N THR A 18 -2.87 -3.85 5.73
CA THR A 18 -2.47 -4.99 6.56
C THR A 18 -1.15 -5.61 6.08
N THR A 19 -0.97 -5.67 4.78
CA THR A 19 0.13 -6.43 4.21
C THR A 19 0.86 -5.65 3.14
N LYS A 20 2.14 -5.95 3.00
CA LYS A 20 2.96 -5.39 1.93
C LYS A 20 2.29 -5.65 0.60
N ALA A 21 1.67 -6.82 0.53
CA ALA A 21 0.99 -7.29 -0.67
C ALA A 21 -0.02 -6.25 -1.18
N ASN A 22 -0.83 -5.71 -0.26
CA ASN A 22 -1.81 -4.70 -0.63
C ASN A 22 -1.12 -3.39 -0.98
N CYS A 23 -0.12 -3.01 -0.20
CA CYS A 23 0.59 -1.76 -0.42
C CYS A 23 1.30 -1.74 -1.78
N ALA A 24 1.92 -2.87 -2.14
CA ALA A 24 2.67 -2.98 -3.38
C ALA A 24 1.78 -2.70 -4.60
N ARG A 25 0.62 -3.35 -4.65
CA ARG A 25 -0.31 -3.15 -5.76
C ARG A 25 -0.88 -1.72 -5.74
N HIS A 26 -1.12 -1.22 -4.53
CA HIS A 26 -1.61 0.15 -4.34
C HIS A 26 -0.68 1.19 -4.97
N LEU A 27 0.62 1.00 -4.76
CA LEU A 27 1.61 2.03 -5.06
C LEU A 27 1.50 2.55 -6.50
N LYS A 28 1.17 1.68 -7.45
CA LYS A 28 1.13 2.05 -8.87
C LYS A 28 0.24 3.27 -9.12
N VAL A 29 -0.82 3.44 -8.33
CA VAL A 29 -1.77 4.55 -8.53
C VAL A 29 -1.06 5.90 -8.56
N HIS A 30 -0.02 6.03 -7.76
CA HIS A 30 0.72 7.29 -7.66
C HIS A 30 1.67 7.44 -8.83
N THR A 31 2.44 6.40 -9.09
CA THR A 31 3.50 6.43 -10.08
C THR A 31 2.97 6.48 -11.51
N ASP A 32 1.84 5.82 -11.75
CA ASP A 32 1.33 5.66 -13.11
C ASP A 32 -0.19 5.72 -13.11
N THR A 33 -0.76 6.35 -14.13
CA THR A 33 -2.19 6.52 -14.22
C THR A 33 -2.85 5.21 -14.62
N LEU A 34 -3.89 4.83 -13.89
CA LEU A 34 -4.52 3.55 -14.08
C LEU A 34 -5.42 3.56 -15.29
N SER A 35 -5.41 2.45 -16.00
CA SER A 35 -6.23 2.25 -17.17
C SER A 35 -6.32 0.76 -17.44
N GLY A 1 5.37 -8.07 11.38
CA GLY A 1 5.42 -9.18 10.39
C GLY A 1 4.83 -8.78 9.04
N SER A 2 5.52 -9.11 7.96
CA SER A 2 5.06 -8.79 6.62
C SER A 2 3.77 -9.55 6.29
N SER A 3 2.81 -8.84 5.72
CA SER A 3 1.50 -9.41 5.38
C SER A 3 0.74 -9.88 6.62
N GLY A 4 0.62 -8.97 7.57
CA GLY A 4 -0.11 -9.25 8.81
C GLY A 4 -0.07 -8.07 9.75
N LYS A 5 -1.21 -7.76 10.37
CA LYS A 5 -1.34 -6.56 11.23
C LYS A 5 -1.27 -5.29 10.38
N ARG A 6 -2.01 -4.25 10.76
CA ARG A 6 -2.10 -3.06 9.90
C ARG A 6 -1.25 -1.85 10.39
N PRO A 7 0.05 -2.01 10.68
CA PRO A 7 0.91 -0.88 11.03
C PRO A 7 1.46 -0.21 9.77
N PHE A 8 1.30 -0.91 8.66
CA PHE A 8 1.87 -0.48 7.38
C PHE A 8 1.06 0.65 6.82
N VAL A 9 1.73 1.67 6.34
CA VAL A 9 1.07 2.82 5.77
C VAL A 9 1.83 3.28 4.54
N CYS A 10 1.10 3.69 3.52
CA CYS A 10 1.70 4.10 2.27
C CYS A 10 2.68 5.24 2.49
N ARG A 11 3.83 5.12 1.87
CA ARG A 11 4.87 6.11 2.00
C ARG A 11 4.45 7.40 1.32
N ILE A 12 3.81 7.26 0.16
CA ILE A 12 3.51 8.42 -0.66
C ILE A 12 2.28 9.16 -0.14
N CYS A 13 1.17 8.46 0.03
CA CYS A 13 0.01 9.08 0.65
C CYS A 13 0.00 8.76 2.15
N LEU A 14 -1.08 8.17 2.62
CA LEU A 14 -1.20 7.73 4.01
C LEU A 14 -2.28 6.67 4.14
N SER A 15 -2.38 5.83 3.12
CA SER A 15 -3.29 4.71 3.18
C SER A 15 -2.63 3.55 3.93
N ALA A 16 -3.28 3.09 4.99
CA ALA A 16 -2.75 1.98 5.78
C ALA A 16 -3.21 0.64 5.21
N PHE A 17 -2.31 -0.35 5.19
CA PHE A 17 -2.65 -1.67 4.70
C PHE A 17 -2.05 -2.73 5.61
N THR A 18 -2.79 -3.81 5.84
CA THR A 18 -2.34 -4.91 6.68
C THR A 18 -1.10 -5.59 6.08
N THR A 19 -1.12 -5.83 4.79
CA THR A 19 -0.01 -6.51 4.15
C THR A 19 0.78 -5.55 3.27
N LYS A 20 2.09 -5.79 3.21
CA LYS A 20 2.93 -5.11 2.22
C LYS A 20 2.40 -5.40 0.84
N ALA A 21 1.87 -6.60 0.74
CA ALA A 21 1.36 -7.11 -0.51
C ALA A 21 0.28 -6.19 -1.10
N ASN A 22 -0.64 -5.73 -0.25
CA ASN A 22 -1.68 -4.81 -0.71
C ASN A 22 -1.07 -3.47 -1.11
N CYS A 23 -0.10 -3.02 -0.34
CA CYS A 23 0.55 -1.74 -0.59
C CYS A 23 1.24 -1.76 -1.96
N ALA A 24 1.86 -2.89 -2.30
CA ALA A 24 2.58 -3.03 -3.56
C ALA A 24 1.68 -2.76 -4.76
N ARG A 25 0.51 -3.40 -4.78
CA ARG A 25 -0.45 -3.22 -5.87
C ARG A 25 -1.05 -1.81 -5.84
N HIS A 26 -1.17 -1.26 -4.64
CA HIS A 26 -1.65 0.10 -4.43
C HIS A 26 -0.75 1.11 -5.13
N LEU A 27 0.56 0.91 -5.01
CA LEU A 27 1.57 1.88 -5.44
C LEU A 27 1.33 2.43 -6.85
N LYS A 28 0.79 1.59 -7.73
CA LYS A 28 0.60 1.95 -9.15
C LYS A 28 -0.14 3.29 -9.32
N VAL A 29 -1.03 3.62 -8.39
CA VAL A 29 -1.80 4.86 -8.49
C VAL A 29 -0.90 6.09 -8.49
N HIS A 30 0.15 6.05 -7.69
CA HIS A 30 1.09 7.16 -7.59
C HIS A 30 2.09 7.16 -8.77
N THR A 31 1.58 6.94 -9.98
CA THR A 31 2.42 6.97 -11.17
C THR A 31 1.57 6.84 -12.44
N ASP A 32 0.64 5.88 -12.48
CA ASP A 32 -0.21 5.71 -13.64
C ASP A 32 -1.36 6.73 -13.64
N THR A 33 -2.14 6.69 -12.56
CA THR A 33 -3.27 7.58 -12.40
C THR A 33 -3.69 7.59 -10.94
N LEU A 34 -3.97 8.76 -10.41
CA LEU A 34 -4.25 8.90 -8.99
C LEU A 34 -5.46 9.80 -8.77
N SER A 35 -6.23 9.46 -7.75
CA SER A 35 -7.44 10.19 -7.41
C SER A 35 -7.81 9.89 -5.98
N GLY A 1 -2.98 -14.95 -0.15
CA GLY A 1 -2.42 -14.16 0.97
C GLY A 1 -3.32 -14.20 2.18
N SER A 2 -2.72 -14.35 3.36
CA SER A 2 -3.49 -14.41 4.60
C SER A 2 -4.07 -13.04 4.95
N SER A 3 -3.23 -12.00 4.88
CA SER A 3 -3.63 -10.63 5.20
C SER A 3 -4.00 -10.48 6.68
N GLY A 4 -3.40 -9.49 7.33
CA GLY A 4 -3.64 -9.33 8.76
C GLY A 4 -2.90 -8.14 9.34
N LYS A 5 -3.51 -7.50 10.34
CA LYS A 5 -2.91 -6.33 11.02
C LYS A 5 -2.83 -5.16 10.03
N ARG A 6 -2.45 -3.97 10.51
CA ARG A 6 -2.36 -2.79 9.65
C ARG A 6 -1.17 -1.91 10.01
N PRO A 7 0.05 -2.46 9.92
CA PRO A 7 1.27 -1.73 10.24
C PRO A 7 1.69 -0.78 9.11
N PHE A 8 1.58 -1.29 7.90
CA PHE A 8 2.15 -0.62 6.74
C PHE A 8 1.30 0.56 6.31
N VAL A 9 1.91 1.72 6.21
CA VAL A 9 1.21 2.89 5.72
C VAL A 9 1.91 3.37 4.45
N CYS A 10 1.14 3.81 3.47
CA CYS A 10 1.69 4.23 2.21
C CYS A 10 2.63 5.42 2.39
N ARG A 11 3.77 5.34 1.72
CA ARG A 11 4.77 6.39 1.79
C ARG A 11 4.34 7.64 1.04
N ILE A 12 3.64 7.45 -0.08
CA ILE A 12 3.25 8.58 -0.92
C ILE A 12 2.05 9.30 -0.36
N CYS A 13 0.98 8.56 -0.09
CA CYS A 13 -0.15 9.14 0.61
C CYS A 13 -0.04 8.81 2.10
N LEU A 14 -1.09 8.22 2.65
CA LEU A 14 -1.08 7.75 4.03
C LEU A 14 -2.17 6.71 4.24
N SER A 15 -2.38 5.90 3.22
CA SER A 15 -3.29 4.78 3.33
C SER A 15 -2.58 3.60 4.00
N ALA A 16 -3.15 3.11 5.09
CA ALA A 16 -2.58 1.94 5.77
C ALA A 16 -3.15 0.66 5.18
N PHE A 17 -2.27 -0.31 4.93
CA PHE A 17 -2.70 -1.60 4.42
C PHE A 17 -2.23 -2.72 5.32
N THR A 18 -3.02 -3.77 5.36
CA THR A 18 -2.75 -4.92 6.22
C THR A 18 -1.39 -5.54 5.93
N THR A 19 -1.03 -5.55 4.65
CA THR A 19 0.16 -6.26 4.21
C THR A 19 0.86 -5.49 3.10
N LYS A 20 2.17 -5.73 2.98
CA LYS A 20 2.94 -5.23 1.85
C LYS A 20 2.30 -5.64 0.55
N ALA A 21 1.71 -6.82 0.57
CA ALA A 21 1.05 -7.36 -0.60
C ALA A 21 0.00 -6.39 -1.11
N ASN A 22 -0.78 -5.82 -0.20
CA ASN A 22 -1.76 -4.80 -0.56
C ASN A 22 -1.08 -3.49 -0.95
N CYS A 23 -0.06 -3.11 -0.19
CA CYS A 23 0.65 -1.86 -0.43
C CYS A 23 1.29 -1.86 -1.83
N ALA A 24 1.82 -3.00 -2.24
CA ALA A 24 2.48 -3.13 -3.54
C ALA A 24 1.53 -2.80 -4.69
N ARG A 25 0.35 -3.39 -4.69
CA ARG A 25 -0.63 -3.13 -5.75
C ARG A 25 -1.13 -1.70 -5.67
N HIS A 26 -1.28 -1.20 -4.45
CA HIS A 26 -1.69 0.19 -4.24
C HIS A 26 -0.66 1.16 -4.79
N LEU A 27 0.60 0.90 -4.47
CA LEU A 27 1.67 1.87 -4.68
C LEU A 27 1.68 2.43 -6.09
N LYS A 28 1.39 1.59 -7.08
CA LYS A 28 1.42 2.00 -8.48
C LYS A 28 0.47 3.17 -8.77
N VAL A 29 -0.65 3.26 -8.03
CA VAL A 29 -1.67 4.28 -8.29
C VAL A 29 -1.04 5.68 -8.38
N HIS A 30 0.02 5.90 -7.61
CA HIS A 30 0.69 7.20 -7.57
C HIS A 30 1.59 7.41 -8.78
N THR A 31 1.14 6.92 -9.93
CA THR A 31 1.83 7.11 -11.21
C THR A 31 1.06 6.36 -12.30
N ASP A 32 0.67 5.14 -12.01
CA ASP A 32 -0.18 4.35 -12.90
C ASP A 32 -1.63 4.69 -12.62
N THR A 33 -2.34 5.12 -13.63
CA THR A 33 -3.72 5.56 -13.47
C THR A 33 -4.68 4.39 -13.40
N LEU A 34 -5.61 4.46 -12.48
CA LEU A 34 -6.68 3.47 -12.39
C LEU A 34 -7.75 3.76 -13.44
N SER A 35 -7.31 4.01 -14.66
CA SER A 35 -8.19 4.36 -15.75
C SER A 35 -7.44 4.15 -17.06
N GLY A 1 5.26 -13.12 4.97
CA GLY A 1 5.15 -14.40 5.71
C GLY A 1 3.70 -14.84 5.88
N SER A 2 2.84 -13.90 6.24
CA SER A 2 1.44 -14.19 6.48
C SER A 2 0.66 -12.88 6.64
N SER A 3 -0.22 -12.83 7.63
CA SER A 3 -0.95 -11.58 7.92
C SER A 3 0.05 -10.50 8.33
N GLY A 4 -0.07 -9.33 7.70
CA GLY A 4 0.86 -8.25 7.95
C GLY A 4 0.65 -7.56 9.29
N LYS A 5 0.62 -6.24 9.25
CA LYS A 5 0.49 -5.42 10.44
C LYS A 5 0.14 -4.00 10.00
N ARG A 6 -0.14 -3.11 10.95
CA ARG A 6 -0.67 -1.79 10.65
C ARG A 6 0.36 -0.76 10.09
N PRO A 7 1.65 -0.79 10.49
CA PRO A 7 2.64 0.22 10.03
C PRO A 7 3.02 0.05 8.55
N PHE A 8 2.11 -0.50 7.78
CA PHE A 8 2.31 -0.69 6.35
C PHE A 8 1.70 0.48 5.60
N VAL A 9 1.96 1.68 6.09
CA VAL A 9 1.34 2.87 5.55
C VAL A 9 2.05 3.29 4.26
N CYS A 10 1.27 3.79 3.32
CA CYS A 10 1.81 4.25 2.06
C CYS A 10 2.74 5.43 2.26
N ARG A 11 3.85 5.39 1.54
CA ARG A 11 4.85 6.44 1.61
C ARG A 11 4.34 7.72 0.95
N ILE A 12 3.56 7.57 -0.12
CA ILE A 12 3.11 8.73 -0.90
C ILE A 12 1.89 9.39 -0.26
N CYS A 13 0.83 8.61 -0.02
CA CYS A 13 -0.31 9.13 0.69
C CYS A 13 -0.18 8.78 2.17
N LEU A 14 -1.19 8.14 2.73
CA LEU A 14 -1.16 7.67 4.11
C LEU A 14 -2.18 6.57 4.30
N SER A 15 -2.38 5.79 3.25
CA SER A 15 -3.24 4.63 3.34
C SER A 15 -2.46 3.48 3.99
N ALA A 16 -2.98 2.99 5.11
CA ALA A 16 -2.34 1.87 5.80
C ALA A 16 -2.99 0.56 5.36
N PHE A 17 -2.18 -0.40 4.93
CA PHE A 17 -2.70 -1.68 4.48
C PHE A 17 -2.31 -2.79 5.44
N THR A 18 -3.17 -3.79 5.56
CA THR A 18 -2.93 -4.92 6.45
C THR A 18 -1.68 -5.69 6.07
N THR A 19 -1.54 -5.98 4.78
CA THR A 19 -0.40 -6.73 4.29
C THR A 19 0.44 -5.91 3.33
N LYS A 20 1.74 -6.19 3.33
CA LYS A 20 2.67 -5.56 2.39
C LYS A 20 2.19 -5.76 0.98
N ALA A 21 1.62 -6.92 0.76
CA ALA A 21 1.14 -7.30 -0.55
C ALA A 21 0.12 -6.30 -1.09
N ASN A 22 -0.79 -5.84 -0.22
CA ASN A 22 -1.78 -4.85 -0.62
C ASN A 22 -1.13 -3.51 -0.92
N CYS A 23 -0.18 -3.11 -0.08
CA CYS A 23 0.50 -1.84 -0.23
C CYS A 23 1.27 -1.80 -1.56
N ALA A 24 1.90 -2.92 -1.90
CA ALA A 24 2.68 -3.01 -3.14
C ALA A 24 1.83 -2.76 -4.38
N ARG A 25 0.66 -3.40 -4.45
CA ARG A 25 -0.22 -3.22 -5.61
C ARG A 25 -0.77 -1.79 -5.64
N HIS A 26 -0.98 -1.23 -4.46
CA HIS A 26 -1.48 0.14 -4.31
C HIS A 26 -0.56 1.16 -4.98
N LEU A 27 0.74 1.00 -4.75
CA LEU A 27 1.73 2.03 -5.04
C LEU A 27 1.59 2.62 -6.45
N LYS A 28 1.32 1.78 -7.44
CA LYS A 28 1.27 2.22 -8.84
C LYS A 28 0.30 3.37 -9.08
N VAL A 29 -0.75 3.49 -8.26
CA VAL A 29 -1.75 4.55 -8.46
C VAL A 29 -1.10 5.93 -8.52
N HIS A 30 -0.07 6.13 -7.69
CA HIS A 30 0.61 7.44 -7.61
C HIS A 30 1.58 7.64 -8.78
N THR A 31 1.15 7.24 -9.97
CA THR A 31 1.94 7.45 -11.18
C THR A 31 1.18 6.92 -12.40
N ASP A 32 0.53 5.77 -12.25
CA ASP A 32 -0.33 5.21 -13.30
C ASP A 32 -1.60 6.04 -13.45
N THR A 33 -2.70 5.54 -12.86
CA THR A 33 -3.97 6.24 -12.90
C THR A 33 -4.88 5.72 -11.80
N LEU A 34 -5.56 6.62 -11.10
CA LEU A 34 -6.40 6.25 -9.97
C LEU A 34 -7.74 5.71 -10.45
N SER A 35 -8.29 6.35 -11.47
CA SER A 35 -9.58 5.95 -12.03
C SER A 35 -9.72 6.52 -13.45
N GLY A 1 -6.14 -17.37 3.58
CA GLY A 1 -5.79 -16.05 4.14
C GLY A 1 -4.29 -15.85 4.24
N SER A 2 -3.83 -14.66 3.91
CA SER A 2 -2.41 -14.36 3.94
C SER A 2 -2.21 -12.85 4.05
N SER A 3 -2.98 -12.25 4.95
CA SER A 3 -2.90 -10.83 5.25
C SER A 3 -3.57 -10.58 6.59
N GLY A 4 -2.91 -9.79 7.44
CA GLY A 4 -3.38 -9.61 8.80
C GLY A 4 -2.51 -8.64 9.57
N LYS A 5 -3.13 -7.84 10.44
CA LYS A 5 -2.44 -6.74 11.14
C LYS A 5 -2.18 -5.61 10.16
N ARG A 6 -2.45 -4.38 10.58
CA ARG A 6 -2.32 -3.21 9.70
C ARG A 6 -1.13 -2.32 10.12
N PRO A 7 0.11 -2.79 9.95
CA PRO A 7 1.30 -2.03 10.32
C PRO A 7 1.64 -0.95 9.30
N PHE A 8 1.54 -1.34 8.04
CA PHE A 8 2.06 -0.54 6.94
C PHE A 8 1.14 0.61 6.56
N VAL A 9 1.71 1.79 6.47
CA VAL A 9 1.01 2.92 5.91
C VAL A 9 1.71 3.32 4.62
N CYS A 10 0.95 3.72 3.61
CA CYS A 10 1.52 4.04 2.31
C CYS A 10 2.60 5.09 2.42
N ARG A 11 3.67 4.85 1.70
CA ARG A 11 4.83 5.72 1.71
C ARG A 11 4.50 7.05 1.05
N ILE A 12 3.70 7.00 -0.01
CA ILE A 12 3.42 8.18 -0.78
C ILE A 12 2.27 9.00 -0.20
N CYS A 13 1.11 8.36 -0.02
CA CYS A 13 -0.01 9.04 0.63
C CYS A 13 0.02 8.75 2.12
N LEU A 14 -1.08 8.22 2.64
CA LEU A 14 -1.16 7.79 4.04
C LEU A 14 -2.27 6.78 4.20
N SER A 15 -2.46 5.97 3.17
CA SER A 15 -3.41 4.87 3.25
C SER A 15 -2.75 3.68 3.92
N ALA A 16 -3.35 3.17 4.97
CA ALA A 16 -2.79 2.03 5.71
C ALA A 16 -3.28 0.71 5.11
N PHE A 17 -2.37 -0.26 5.01
CA PHE A 17 -2.71 -1.59 4.50
C PHE A 17 -2.10 -2.66 5.39
N THR A 18 -2.83 -3.74 5.56
CA THR A 18 -2.40 -4.84 6.41
C THR A 18 -1.04 -5.41 6.01
N THR A 19 -0.77 -5.44 4.72
CA THR A 19 0.46 -6.05 4.22
C THR A 19 1.02 -5.25 3.06
N LYS A 20 2.34 -5.36 2.89
CA LYS A 20 3.00 -4.83 1.71
C LYS A 20 2.41 -5.44 0.47
N ALA A 21 1.93 -6.65 0.60
CA ALA A 21 1.30 -7.34 -0.49
C ALA A 21 0.14 -6.51 -1.04
N ASN A 22 -0.66 -5.94 -0.14
CA ASN A 22 -1.72 -5.01 -0.54
C ASN A 22 -1.15 -3.65 -0.96
N CYS A 23 -0.18 -3.17 -0.18
CA CYS A 23 0.40 -1.85 -0.41
C CYS A 23 1.06 -1.75 -1.79
N ALA A 24 1.75 -2.82 -2.20
CA ALA A 24 2.48 -2.84 -3.47
C ALA A 24 1.56 -2.61 -4.65
N ARG A 25 0.42 -3.30 -4.67
CA ARG A 25 -0.54 -3.15 -5.76
C ARG A 25 -1.14 -1.75 -5.73
N HIS A 26 -1.33 -1.22 -4.53
CA HIS A 26 -1.78 0.16 -4.33
C HIS A 26 -0.80 1.17 -4.94
N LEU A 27 0.48 0.93 -4.67
CA LEU A 27 1.53 1.91 -4.95
C LEU A 27 1.46 2.47 -6.37
N LYS A 28 1.12 1.61 -7.33
CA LYS A 28 1.12 1.99 -8.74
C LYS A 28 0.29 3.25 -9.02
N VAL A 29 -0.78 3.47 -8.26
CA VAL A 29 -1.67 4.62 -8.48
C VAL A 29 -0.87 5.94 -8.48
N HIS A 30 0.14 6.01 -7.64
CA HIS A 30 0.95 7.22 -7.52
C HIS A 30 1.95 7.32 -8.67
N THR A 31 2.66 6.24 -8.89
CA THR A 31 3.76 6.21 -9.85
C THR A 31 3.27 6.19 -11.30
N ASP A 32 2.12 5.59 -11.53
CA ASP A 32 1.65 5.34 -12.88
C ASP A 32 0.14 5.53 -12.99
N THR A 33 -0.27 6.09 -14.12
CA THR A 33 -1.67 6.36 -14.36
C THR A 33 -2.40 5.08 -14.74
N LEU A 34 -3.51 4.82 -14.07
CA LEU A 34 -4.32 3.65 -14.36
C LEU A 34 -5.33 3.98 -15.46
N SER A 35 -4.88 4.76 -16.44
CA SER A 35 -5.71 5.18 -17.54
C SER A 35 -4.84 5.69 -18.68
N GLY A 1 6.18 -13.30 3.48
CA GLY A 1 5.64 -13.12 4.85
C GLY A 1 4.29 -13.78 5.01
N SER A 2 4.09 -14.46 6.12
CA SER A 2 2.84 -15.16 6.40
C SER A 2 1.69 -14.16 6.50
N SER A 3 1.90 -13.09 7.27
CA SER A 3 0.88 -12.06 7.46
C SER A 3 1.52 -10.79 8.00
N GLY A 4 1.15 -9.67 7.41
CA GLY A 4 1.74 -8.39 7.78
C GLY A 4 1.21 -7.85 9.09
N LYS A 5 0.88 -6.55 9.08
CA LYS A 5 0.32 -5.88 10.24
C LYS A 5 -0.11 -4.45 9.88
N ARG A 6 -0.47 -3.68 10.89
CA ARG A 6 -1.11 -2.38 10.70
C ARG A 6 -0.17 -1.21 10.26
N PRO A 7 1.09 -1.14 10.75
CA PRO A 7 2.01 -0.01 10.44
C PRO A 7 2.47 0.04 8.97
N PHE A 8 1.72 -0.57 8.08
CA PHE A 8 2.05 -0.59 6.66
C PHE A 8 1.42 0.59 5.92
N VAL A 9 1.61 1.79 6.44
CA VAL A 9 1.02 2.97 5.84
C VAL A 9 1.83 3.40 4.60
N CYS A 10 1.12 3.80 3.56
CA CYS A 10 1.74 4.22 2.32
C CYS A 10 2.67 5.40 2.54
N ARG A 11 3.85 5.32 1.96
CA ARG A 11 4.85 6.37 2.10
C ARG A 11 4.41 7.62 1.33
N ILE A 12 3.74 7.42 0.19
CA ILE A 12 3.39 8.53 -0.68
C ILE A 12 2.17 9.28 -0.18
N CYS A 13 1.07 8.56 0.03
CA CYS A 13 -0.09 9.16 0.66
C CYS A 13 -0.04 8.86 2.16
N LEU A 14 -1.09 8.25 2.68
CA LEU A 14 -1.16 7.82 4.07
C LEU A 14 -2.24 6.78 4.24
N SER A 15 -2.32 5.89 3.27
CA SER A 15 -3.26 4.78 3.34
C SER A 15 -2.62 3.60 4.08
N ALA A 16 -3.27 3.12 5.13
CA ALA A 16 -2.76 1.96 5.88
C ALA A 16 -3.26 0.66 5.25
N PHE A 17 -2.38 -0.33 5.18
CA PHE A 17 -2.75 -1.65 4.64
C PHE A 17 -2.19 -2.74 5.54
N THR A 18 -2.89 -3.87 5.61
CA THR A 18 -2.48 -4.98 6.46
C THR A 18 -1.20 -5.66 5.98
N THR A 19 -1.06 -5.81 4.67
CA THR A 19 0.05 -6.57 4.12
C THR A 19 0.83 -5.76 3.09
N LYS A 20 2.11 -6.09 2.95
CA LYS A 20 2.95 -5.49 1.93
C LYS A 20 2.30 -5.67 0.57
N ALA A 21 1.70 -6.83 0.40
CA ALA A 21 1.06 -7.20 -0.85
C ALA A 21 0.03 -6.16 -1.27
N ASN A 22 -0.78 -5.71 -0.31
CA ASN A 22 -1.79 -4.69 -0.60
C ASN A 22 -1.12 -3.35 -0.91
N CYS A 23 -0.10 -3.02 -0.14
CA CYS A 23 0.62 -1.76 -0.35
C CYS A 23 1.31 -1.73 -1.71
N ALA A 24 1.91 -2.85 -2.09
CA ALA A 24 2.61 -2.96 -3.37
C ALA A 24 1.67 -2.73 -4.55
N ARG A 25 0.52 -3.40 -4.54
CA ARG A 25 -0.45 -3.25 -5.62
C ARG A 25 -0.99 -1.82 -5.64
N HIS A 26 -1.15 -1.25 -4.45
CA HIS A 26 -1.60 0.12 -4.28
C HIS A 26 -0.67 1.11 -4.98
N LEU A 27 0.63 0.90 -4.81
CA LEU A 27 1.64 1.86 -5.22
C LEU A 27 1.47 2.34 -6.67
N LYS A 28 0.96 1.46 -7.53
CA LYS A 28 0.83 1.76 -8.96
C LYS A 28 0.09 3.07 -9.22
N VAL A 29 -0.92 3.37 -8.40
CA VAL A 29 -1.73 4.57 -8.58
C VAL A 29 -0.90 5.85 -8.61
N HIS A 30 0.12 5.91 -7.77
CA HIS A 30 0.94 7.11 -7.65
C HIS A 30 1.90 7.21 -8.81
N THR A 31 2.43 6.07 -9.23
CA THR A 31 3.37 6.04 -10.33
C THR A 31 2.64 5.67 -11.62
N ASP A 32 1.36 6.05 -11.68
CA ASP A 32 0.49 5.82 -12.84
C ASP A 32 0.24 4.33 -13.11
N THR A 33 1.29 3.54 -13.18
CA THR A 33 1.19 2.12 -13.44
C THR A 33 2.48 1.42 -13.02
N LEU A 34 2.36 0.25 -12.42
CA LEU A 34 3.50 -0.48 -11.89
C LEU A 34 3.29 -1.98 -12.01
N SER A 35 2.08 -2.42 -11.71
CA SER A 35 1.73 -3.82 -11.80
C SER A 35 0.21 -3.96 -11.87
N GLY A 1 8.80 -12.00 6.08
CA GLY A 1 7.59 -11.42 5.44
C GLY A 1 6.43 -11.30 6.41
N SER A 2 6.71 -10.80 7.60
CA SER A 2 5.67 -10.57 8.60
C SER A 2 4.79 -9.41 8.16
N SER A 3 3.49 -9.57 8.28
CA SER A 3 2.54 -8.55 7.87
C SER A 3 1.20 -8.78 8.57
N GLY A 4 0.09 -8.52 7.87
CA GLY A 4 -1.22 -8.64 8.50
C GLY A 4 -1.32 -7.72 9.71
N LYS A 5 -0.89 -6.47 9.51
CA LYS A 5 -0.72 -5.55 10.62
C LYS A 5 -0.79 -4.12 10.08
N ARG A 6 -1.42 -3.23 10.85
CA ARG A 6 -1.85 -1.92 10.34
C ARG A 6 -0.76 -0.83 10.15
N PRO A 7 0.47 -0.93 10.69
CA PRO A 7 1.48 0.15 10.54
C PRO A 7 1.96 0.34 9.10
N PHE A 8 1.48 -0.49 8.20
CA PHE A 8 1.89 -0.46 6.81
C PHE A 8 1.21 0.69 6.08
N VAL A 9 1.38 1.90 6.58
CA VAL A 9 0.78 3.06 5.96
C VAL A 9 1.60 3.44 4.73
N CYS A 10 0.91 3.82 3.66
CA CYS A 10 1.56 4.10 2.40
C CYS A 10 2.63 5.16 2.57
N ARG A 11 3.79 4.87 2.03
CA ARG A 11 4.90 5.77 2.07
C ARG A 11 4.63 7.01 1.22
N ILE A 12 3.85 6.85 0.15
CA ILE A 12 3.56 7.98 -0.73
C ILE A 12 2.39 8.81 -0.20
N CYS A 13 1.25 8.19 0.06
CA CYS A 13 0.13 8.90 0.65
C CYS A 13 0.06 8.61 2.15
N LEU A 14 -1.09 8.14 2.61
CA LEU A 14 -1.28 7.76 4.01
C LEU A 14 -2.39 6.74 4.14
N SER A 15 -2.46 5.84 3.17
CA SER A 15 -3.37 4.72 3.27
C SER A 15 -2.69 3.57 4.01
N ALA A 16 -3.28 3.12 5.12
CA ALA A 16 -2.69 2.02 5.88
C ALA A 16 -3.21 0.68 5.38
N PHE A 17 -2.30 -0.28 5.24
CA PHE A 17 -2.67 -1.62 4.77
C PHE A 17 -2.14 -2.66 5.74
N THR A 18 -2.76 -3.83 5.75
CA THR A 18 -2.32 -4.91 6.62
C THR A 18 -1.03 -5.55 6.11
N THR A 19 -0.98 -5.80 4.82
CA THR A 19 0.16 -6.47 4.22
C THR A 19 0.85 -5.56 3.21
N LYS A 20 2.16 -5.72 3.11
CA LYS A 20 2.95 -5.03 2.09
C LYS A 20 2.40 -5.33 0.73
N ALA A 21 1.94 -6.56 0.57
CA ALA A 21 1.43 -7.02 -0.69
C ALA A 21 0.31 -6.11 -1.21
N ASN A 22 -0.59 -5.68 -0.31
CA ASN A 22 -1.64 -4.75 -0.69
C ASN A 22 -1.06 -3.40 -1.08
N CYS A 23 -0.09 -2.93 -0.31
CA CYS A 23 0.55 -1.64 -0.57
C CYS A 23 1.23 -1.66 -1.94
N ALA A 24 1.84 -2.79 -2.28
CA ALA A 24 2.54 -2.93 -3.55
C ALA A 24 1.61 -2.73 -4.75
N ARG A 25 0.44 -3.37 -4.73
CA ARG A 25 -0.52 -3.20 -5.82
C ARG A 25 -1.09 -1.78 -5.80
N HIS A 26 -1.26 -1.25 -4.61
CA HIS A 26 -1.73 0.12 -4.40
C HIS A 26 -0.78 1.13 -5.07
N LEU A 27 0.51 0.89 -4.92
CA LEU A 27 1.55 1.85 -5.28
C LEU A 27 1.39 2.42 -6.69
N LYS A 28 0.96 1.59 -7.64
CA LYS A 28 0.89 1.99 -9.05
C LYS A 28 0.09 3.28 -9.26
N VAL A 29 -0.90 3.52 -8.40
CA VAL A 29 -1.77 4.69 -8.53
C VAL A 29 -0.96 5.98 -8.53
N HIS A 30 0.13 6.01 -7.76
CA HIS A 30 0.95 7.20 -7.61
C HIS A 30 1.87 7.42 -8.81
N THR A 31 1.32 7.21 -10.00
CA THR A 31 2.01 7.50 -11.25
C THR A 31 1.14 7.14 -12.45
N ASP A 32 0.59 5.93 -12.46
CA ASP A 32 -0.29 5.52 -13.56
C ASP A 32 -1.75 5.84 -13.22
N THR A 33 -1.93 6.91 -12.47
CA THR A 33 -3.25 7.41 -12.11
C THR A 33 -3.07 8.87 -11.67
N LEU A 34 -2.17 9.52 -12.37
CA LEU A 34 -1.77 10.90 -12.11
C LEU A 34 -1.13 11.47 -13.36
N SER A 35 -1.80 11.25 -14.47
CA SER A 35 -1.27 11.59 -15.78
C SER A 35 -2.39 11.69 -16.80
N GLY A 1 5.54 -12.52 1.06
CA GLY A 1 5.18 -13.30 2.27
C GLY A 1 4.81 -12.42 3.44
N SER A 2 3.96 -11.42 3.20
CA SER A 2 3.55 -10.50 4.25
C SER A 2 2.71 -11.20 5.32
N SER A 3 3.13 -11.04 6.57
CA SER A 3 2.38 -11.57 7.71
C SER A 3 1.11 -10.77 7.94
N GLY A 4 1.15 -9.52 7.48
CA GLY A 4 0.07 -8.58 7.75
C GLY A 4 0.21 -7.92 9.11
N LYS A 5 0.15 -6.60 9.10
CA LYS A 5 0.31 -5.78 10.28
C LYS A 5 -0.06 -4.35 9.90
N ARG A 6 -0.67 -3.60 10.82
CA ARG A 6 -1.30 -2.33 10.45
C ARG A 6 -0.36 -1.14 10.17
N PRO A 7 0.88 -1.07 10.69
CA PRO A 7 1.77 0.10 10.45
C PRO A 7 2.23 0.23 9.00
N PHE A 8 1.68 -0.60 8.13
CA PHE A 8 2.02 -0.59 6.71
C PHE A 8 1.30 0.53 5.98
N VAL A 9 1.46 1.75 6.48
CA VAL A 9 0.82 2.90 5.87
C VAL A 9 1.61 3.31 4.63
N CYS A 10 0.89 3.73 3.60
CA CYS A 10 1.51 4.08 2.34
C CYS A 10 2.55 5.18 2.53
N ARG A 11 3.69 4.95 1.94
CA ARG A 11 4.80 5.88 2.02
C ARG A 11 4.49 7.17 1.27
N ILE A 12 3.80 7.04 0.14
CA ILE A 12 3.55 8.20 -0.71
C ILE A 12 2.36 9.01 -0.22
N CYS A 13 1.22 8.35 0.02
CA CYS A 13 0.10 9.05 0.64
C CYS A 13 0.06 8.70 2.13
N LEU A 14 -1.06 8.19 2.60
CA LEU A 14 -1.21 7.78 3.99
C LEU A 14 -2.33 6.76 4.15
N SER A 15 -2.44 5.87 3.17
CA SER A 15 -3.39 4.77 3.27
C SER A 15 -2.71 3.57 3.93
N ALA A 16 -3.25 3.10 5.04
CA ALA A 16 -2.65 1.96 5.73
C ALA A 16 -3.22 0.65 5.23
N PHE A 17 -2.34 -0.28 4.87
CA PHE A 17 -2.76 -1.60 4.43
C PHE A 17 -2.18 -2.66 5.34
N THR A 18 -2.86 -3.79 5.47
CA THR A 18 -2.40 -4.84 6.36
C THR A 18 -1.09 -5.47 5.87
N THR A 19 -1.03 -5.78 4.59
CA THR A 19 0.15 -6.45 4.05
C THR A 19 0.94 -5.52 3.16
N LYS A 20 2.26 -5.76 3.11
CA LYS A 20 3.12 -5.09 2.16
C LYS A 20 2.60 -5.33 0.77
N ALA A 21 2.07 -6.52 0.59
CA ALA A 21 1.55 -6.96 -0.68
C ALA A 21 0.41 -6.04 -1.14
N ASN A 22 -0.50 -5.67 -0.23
CA ASN A 22 -1.57 -4.74 -0.57
C ASN A 22 -1.02 -3.37 -0.91
N CYS A 23 -0.03 -2.92 -0.16
CA CYS A 23 0.61 -1.64 -0.41
C CYS A 23 1.23 -1.63 -1.81
N ALA A 24 1.84 -2.74 -2.19
CA ALA A 24 2.46 -2.89 -3.49
C ALA A 24 1.47 -2.69 -4.63
N ARG A 25 0.31 -3.33 -4.54
CA ARG A 25 -0.70 -3.20 -5.61
C ARG A 25 -1.25 -1.78 -5.63
N HIS A 26 -1.41 -1.19 -4.45
CA HIS A 26 -1.85 0.19 -4.30
C HIS A 26 -0.89 1.17 -4.98
N LEU A 27 0.40 0.93 -4.78
CA LEU A 27 1.45 1.87 -5.17
C LEU A 27 1.31 2.37 -6.61
N LYS A 28 0.80 1.52 -7.50
CA LYS A 28 0.66 1.86 -8.92
C LYS A 28 -0.09 3.17 -9.14
N VAL A 29 -1.00 3.53 -8.24
CA VAL A 29 -1.74 4.79 -8.39
C VAL A 29 -0.77 5.96 -8.42
N HIS A 30 0.26 5.91 -7.58
CA HIS A 30 1.29 6.95 -7.54
C HIS A 30 2.31 6.78 -8.66
N THR A 31 1.85 6.24 -9.77
CA THR A 31 2.65 6.08 -10.98
C THR A 31 1.72 5.63 -12.11
N ASP A 32 0.49 6.10 -11.99
CA ASP A 32 -0.56 5.87 -12.98
C ASP A 32 -1.77 6.71 -12.61
N THR A 33 -2.96 6.12 -12.63
CA THR A 33 -4.17 6.81 -12.22
C THR A 33 -4.28 6.83 -10.69
N LEU A 34 -4.50 8.01 -10.13
CA LEU A 34 -4.67 8.15 -8.68
C LEU A 34 -6.07 7.73 -8.27
N SER A 35 -7.05 8.11 -9.05
CA SER A 35 -8.44 7.82 -8.73
C SER A 35 -8.78 6.37 -9.05
#